data_9BQJ
#
_entry.id   9BQJ
#
_cell.length_a   1.00
_cell.length_b   1.00
_cell.length_c   1.00
_cell.angle_alpha   90.00
_cell.angle_beta   90.00
_cell.angle_gamma   90.00
#
_symmetry.space_group_name_H-M   'P 1'
#
loop_
_entity.id
_entity.type
_entity.pdbx_description
1 polymer 'Guanine nucleotide-binding protein G(I)/G(S)/G(T) subunit beta-1'
2 polymer 'Guanine nucleotide-binding protein G(I)/G(S)/G(O) subunit gamma-2'
3 polymer 'Mu-type opioid receptor'
4 polymer 'Guanine nucleotide-binding protein G(i) subunit alpha-1'
5 polymer scFv16
6 non-polymer N-{[3-(hydroxymethyl)phenyl]methyl}-N-[1-(2-phenylethyl)piperidin-4-yl]propanamide
7 water water
#
loop_
_entity_poly.entity_id
_entity_poly.type
_entity_poly.pdbx_seq_one_letter_code
_entity_poly.pdbx_strand_id
1 'polypeptide(L)'
;PGSSGSELDQLRQEAEQLKNQIRDARKACADATLSQITNNIDPVGRIQMRTRRTLRGHLAKIYAMHWGTDSRLLVSASQD
GKLIIWDSYTTNKVHAIPLRSSWVMTCAYAPSGNYVACGGLDNICSIYNLKTREGNVRVSRELAGHTGYLSCCRFLDDNQ
IVTSSGDTTCALWDIETGQQTTTFTGHTGDVMSLSLAPDTRLFVSGACDASAKLWDVREGMCRQTFTGHESDINAICFFP
NGNAFATGSDDATCRLFDLRADQELMTYSHDNIICGITSVSFSKSGRLLLAGYDDFNCNVWDALKADRAGVLAGHDNRVS
CLGVTDDGMAVATGSWDSFLKIWN
;
B
2 'polypeptide(L)' MASNNTASIAQARKLVEQLKMEANIDRIKVSKAAADLMAYCEAHAKEDPLLTPVPASENPFREKKFFCAIL C
3 'polypeptide(L)'
;NISDCSDPLAPASCSPAPGSWLNLSHVDGNQSDPCGPNRTGLGENLYFQGSHSLCPQTGSPSMVTAITIMALYSIVCVVG
LFGNFLVMYVIVRYTKMKTATNIYIFNLALADALATSTLPFQSVNYLMGTWPFGNILCKIVISIDYYNMFTSIFTLCTMS
VDRYIAVCHPVKALDFRTPRNAKIVNVCNWILSSAIGLPVMFMATTKYRQGSIDCTLTFSHPTWYWENLLKICVFIFAFI
MPVLIITVCYGLMILRLKSVRMLSGSKEKDRNLRRITRMVLVVVAVFIVCWTPIHIYVIIKALITIPETTFQTVSWHFCI
ALGYTNSCLNPVLYAFLDENFKRCFREFCIPTSSTI
;
D
4 'polypeptide(L)'
;MGCTLSAEDKAAVERSKMIDRNLREDGEKAAREVKLLLLGAGESGKSTIVKQMKIIHEAGYSEEECKQYKAVVYSNTIQS
IIAIIRAMGRLKIDFGDSARADDARQLFVLAGAAEEGFMTAELAGVIKRLWKDSGVQACFNRSREYQLNDSAAYYLNDLD
RIAQPNYIPTQQDVLRTRVKTTGIVETHFTFKDLHFKMFDVGGQRSERKKWIHCFEGVTAIIFCVALSDYDLVLAEDEEM
NRMHESMKLFDSICNNKWFTDTSIILFLNKKDLFEEKIKKSPLTICYPEYAGSNTYEEAAAYIQCQFEDLNKRKDTKEIY
THFTCATDTKNVQFVFDAVTDVIIKNNLKDCGLF
;
A
5 'polypeptide(L)'
;DVQLVESGGGLVQPGGSRKLSCSASGFAFSSFGMHWVRQAPEKGLEWVAYISSGSGTIYYADTVKGRFTISRDDPKNTLF
LQMTSLRSEDTAMYYCVRSIYYYGSSPFDFWGQGTTLTVSSGGGGSGGGGSGGGGSDIVMTQATSSVPVTPGESVSISCR
SSKSLLHSNGNTYLYWFLQRPGQSPQLLIYRMSNLASGVPDRFSGSGSGTAFTLTISRLEAEDVGVYYCMQHLEYPLTFG
AGTKLELKAAAHHHHHHHH
;
E
#
loop_
_chem_comp.id
_chem_comp.type
_chem_comp.name
_chem_comp.formula
A1AQ2 non-polymer N-{[3-(hydroxymethyl)phenyl]methyl}-N-[1-(2-phenylethyl)piperidin-4-yl]propanamide 'C24 H32 N2 O2'
#
# COMPACT_ATOMS: atom_id res chain seq x y z
N ASP A 9 37.56 14.85 -39.04
CA ASP A 9 37.38 16.26 -38.71
C ASP A 9 36.46 16.94 -39.72
N GLN A 10 36.73 16.71 -41.01
CA GLN A 10 35.89 17.29 -42.05
C GLN A 10 34.47 16.72 -41.99
N LEU A 11 34.34 15.43 -41.68
CA LEU A 11 33.02 14.82 -41.57
C LEU A 11 32.22 15.40 -40.41
N ARG A 12 32.90 15.70 -39.29
CA ARG A 12 32.21 16.36 -38.18
C ARG A 12 31.74 17.75 -38.57
N GLN A 13 32.57 18.48 -39.33
CA GLN A 13 32.16 19.79 -39.82
C GLN A 13 30.97 19.67 -40.76
N GLU A 14 30.95 18.63 -41.60
CA GLU A 14 29.80 18.42 -42.48
C GLU A 14 28.54 18.14 -41.68
N ALA A 15 28.66 17.33 -40.61
CA ALA A 15 27.50 17.08 -39.75
C ALA A 15 27.02 18.36 -39.09
N GLU A 16 27.95 19.20 -38.62
CA GLU A 16 27.56 20.48 -38.04
C GLU A 16 26.87 21.37 -39.06
N GLN A 17 27.36 21.37 -40.30
CA GLN A 17 26.73 22.15 -41.37
C GLN A 17 25.32 21.64 -41.65
N LEU A 18 25.14 20.32 -41.65
CA LEU A 18 23.80 19.75 -41.83
C LEU A 18 22.86 20.17 -40.70
N LYS A 19 23.37 20.15 -39.46
CA LYS A 19 22.55 20.58 -38.33
C LYS A 19 22.16 22.05 -38.47
N ASN A 20 23.11 22.89 -38.87
CA ASN A 20 22.81 24.31 -39.06
C ASN A 20 21.80 24.51 -40.18
N GLN A 21 21.92 23.73 -41.26
CA GLN A 21 20.97 23.82 -42.36
C GLN A 21 19.57 23.42 -41.90
N ILE A 22 19.46 22.35 -41.10
CA ILE A 22 18.17 21.93 -40.58
C ILE A 22 17.57 23.01 -39.68
N ARG A 23 18.40 23.61 -38.83
CA ARG A 23 17.92 24.67 -37.95
C ARG A 23 17.41 25.85 -38.77
N ASP A 24 18.16 26.25 -39.80
CA ASP A 24 17.73 27.36 -40.64
C ASP A 24 16.45 27.02 -41.39
N ALA A 25 16.33 25.77 -41.85
CA ALA A 25 15.13 25.36 -42.57
C ALA A 25 13.89 25.43 -41.67
N ARG A 26 14.01 24.95 -40.42
CA ARG A 26 12.86 25.03 -39.53
C ARG A 26 12.63 26.44 -39.02
N LYS A 27 13.64 27.31 -39.04
CA LYS A 27 13.44 28.70 -38.67
C LYS A 27 12.76 29.49 -39.79
N ALA A 28 13.03 29.16 -41.04
CA ALA A 28 12.47 29.90 -42.16
C ALA A 28 10.94 29.81 -42.17
N CYS A 29 10.40 28.63 -41.84
CA CYS A 29 8.96 28.42 -41.80
C CYS A 29 8.38 28.61 -40.41
N ALA A 30 8.95 29.51 -39.61
CA ALA A 30 8.54 29.75 -38.23
C ALA A 30 8.04 31.18 -38.10
N ASP A 31 6.77 31.39 -38.41
CA ASP A 31 6.08 32.65 -38.19
C ASP A 31 4.95 32.47 -37.19
N ALA A 32 5.18 31.67 -36.16
CA ALA A 32 4.12 31.20 -35.27
C ALA A 32 3.43 32.32 -34.53
N THR A 33 4.14 32.98 -33.62
CA THR A 33 3.56 33.94 -32.69
C THR A 33 2.20 33.46 -32.19
N LEU A 34 2.17 32.22 -31.71
CA LEU A 34 0.90 31.57 -31.40
C LEU A 34 0.13 32.31 -30.32
N SER A 35 0.84 32.90 -29.35
CA SER A 35 0.17 33.68 -28.31
C SER A 35 -0.56 34.88 -28.90
N GLN A 36 -0.17 35.34 -30.08
CA GLN A 36 -0.90 36.37 -30.80
C GLN A 36 -1.98 35.79 -31.71
N ILE A 37 -2.06 34.47 -31.84
CA ILE A 37 -3.08 33.84 -32.66
C ILE A 37 -4.32 33.48 -31.83
N THR A 38 -4.11 32.97 -30.62
CA THR A 38 -5.19 32.53 -29.75
C THR A 38 -5.36 33.45 -28.54
N ASN A 39 -5.01 34.73 -28.68
CA ASN A 39 -5.16 35.66 -27.58
C ASN A 39 -6.61 36.09 -27.37
N ASN A 40 -7.47 35.90 -28.36
CA ASN A 40 -8.87 36.28 -28.26
C ASN A 40 -9.76 35.15 -27.76
N ILE A 41 -9.21 33.96 -27.51
CA ILE A 41 -9.99 32.86 -27.01
C ILE A 41 -10.29 33.08 -25.53
N ASP A 42 -11.55 32.91 -25.15
CA ASP A 42 -11.95 33.13 -23.77
C ASP A 42 -11.28 32.11 -22.86
N PRO A 43 -10.89 32.50 -21.65
CA PRO A 43 -10.25 31.55 -20.74
C PRO A 43 -11.25 30.51 -20.22
N VAL A 44 -10.71 29.43 -19.67
CA VAL A 44 -11.51 28.33 -19.15
C VAL A 44 -11.90 28.62 -17.71
N GLY A 45 -11.58 29.83 -17.24
CA GLY A 45 -11.92 30.19 -15.88
C GLY A 45 -11.11 29.40 -14.86
N ARG A 46 -11.74 29.07 -13.75
CA ARG A 46 -11.12 28.32 -12.68
C ARG A 46 -11.72 26.92 -12.61
N ILE A 47 -10.85 25.92 -12.48
CA ILE A 47 -11.26 24.51 -12.44
C ILE A 47 -11.09 24.00 -11.02
N GLN A 48 -12.20 23.61 -10.39
CA GLN A 48 -12.19 23.06 -9.05
C GLN A 48 -12.40 21.56 -9.14
N MET A 49 -11.46 20.79 -8.60
CA MET A 49 -11.53 19.34 -8.57
C MET A 49 -11.46 18.85 -7.14
N ARG A 50 -12.35 17.91 -6.81
CA ARG A 50 -12.42 17.33 -5.48
C ARG A 50 -12.21 15.82 -5.56
N THR A 51 -11.42 15.29 -4.63
CA THR A 51 -11.18 13.85 -4.61
C THR A 51 -12.49 13.09 -4.38
N ARG A 52 -12.66 12.01 -5.12
CA ARG A 52 -13.87 11.19 -5.04
C ARG A 52 -13.65 9.84 -4.40
N ARG A 53 -12.43 9.30 -4.46
CA ARG A 53 -12.14 8.00 -3.89
C ARG A 53 -10.67 7.95 -3.49
N THR A 54 -10.35 6.99 -2.63
CA THR A 54 -8.98 6.77 -2.19
C THR A 54 -8.75 5.27 -2.07
N LEU A 55 -7.76 4.76 -2.78
CA LEU A 55 -7.43 3.34 -2.79
C LEU A 55 -6.28 3.11 -1.82
N ARG A 56 -6.56 2.39 -0.73
CA ARG A 56 -5.60 2.18 0.34
C ARG A 56 -5.31 0.67 0.42
N GLY A 57 -4.37 0.21 -0.39
CA GLY A 57 -3.98 -1.19 -0.36
C GLY A 57 -2.48 -1.41 -0.40
N HIS A 58 -1.72 -0.36 -0.69
CA HIS A 58 -0.28 -0.46 -0.85
C HIS A 58 0.43 -0.07 0.45
N LEU A 59 1.56 -0.73 0.71
CA LEU A 59 2.36 -0.48 1.90
C LEU A 59 3.71 0.12 1.57
N ALA A 60 3.88 0.67 0.37
CA ALA A 60 5.13 1.30 -0.03
C ALA A 60 4.83 2.29 -1.14
N LYS A 61 5.89 2.96 -1.61
CA LYS A 61 5.72 3.93 -2.68
C LYS A 61 5.37 3.23 -3.99
N ILE A 62 4.43 3.81 -4.73
CA ILE A 62 3.99 3.29 -6.01
C ILE A 62 4.64 4.09 -7.13
N TYR A 63 5.03 3.39 -8.20
CA TYR A 63 5.76 4.02 -9.30
C TYR A 63 5.01 4.01 -10.62
N ALA A 64 3.98 3.19 -10.78
CA ALA A 64 3.30 3.06 -12.05
C ALA A 64 1.80 2.93 -11.84
N MET A 65 1.04 3.28 -12.88
CA MET A 65 -0.41 3.19 -12.87
C MET A 65 -0.94 3.32 -14.29
N HIS A 66 -1.83 2.42 -14.69
CA HIS A 66 -2.38 2.43 -16.04
C HIS A 66 -3.87 2.12 -16.00
N TRP A 67 -4.65 2.90 -16.75
CA TRP A 67 -6.07 2.67 -16.87
C TRP A 67 -6.35 1.56 -17.89
N GLY A 68 -7.62 1.18 -17.99
CA GLY A 68 -8.05 0.20 -18.97
C GLY A 68 -9.01 0.79 -19.98
N THR A 69 -9.17 0.13 -21.12
CA THR A 69 -10.13 0.59 -22.11
C THR A 69 -11.56 0.56 -21.58
N ASP A 70 -11.85 -0.32 -20.61
CA ASP A 70 -13.14 -0.31 -19.95
C ASP A 70 -13.35 0.99 -19.17
N SER A 71 -12.27 1.67 -18.80
CA SER A 71 -12.30 2.90 -18.00
C SER A 71 -12.86 2.67 -16.60
N ARG A 72 -12.85 1.43 -16.13
CA ARG A 72 -13.29 1.09 -14.79
C ARG A 72 -12.19 0.45 -13.96
N LEU A 73 -11.46 -0.51 -14.52
CA LEU A 73 -10.36 -1.16 -13.83
C LEU A 73 -9.04 -0.46 -14.14
N LEU A 74 -8.12 -0.53 -13.17
CA LEU A 74 -6.78 0.01 -13.36
C LEU A 74 -5.80 -0.81 -12.53
N VAL A 75 -4.53 -0.76 -12.92
CA VAL A 75 -3.47 -1.51 -12.26
C VAL A 75 -2.45 -0.54 -11.71
N SER A 76 -1.83 -0.91 -10.59
CA SER A 76 -0.82 -0.09 -9.96
C SER A 76 0.26 -1.00 -9.38
N ALA A 77 1.52 -0.56 -9.49
CA ALA A 77 2.66 -1.31 -9.02
C ALA A 77 3.43 -0.51 -7.99
N SER A 78 3.99 -1.21 -7.01
CA SER A 78 4.75 -0.59 -5.92
C SER A 78 5.96 -1.47 -5.60
N GLN A 79 6.76 -1.00 -4.65
CA GLN A 79 8.02 -1.66 -4.31
C GLN A 79 7.87 -2.76 -3.26
N ASP A 80 6.67 -3.03 -2.77
CA ASP A 80 6.45 -4.16 -1.88
C ASP A 80 6.32 -5.49 -2.63
N GLY A 81 6.70 -5.52 -3.91
CA GLY A 81 6.63 -6.72 -4.70
C GLY A 81 5.23 -7.21 -4.98
N LYS A 82 4.27 -6.29 -5.12
CA LYS A 82 2.89 -6.65 -5.40
C LYS A 82 2.28 -5.59 -6.31
N LEU A 83 1.53 -6.04 -7.31
CA LEU A 83 0.70 -5.18 -8.13
C LEU A 83 -0.73 -5.71 -8.09
N ILE A 84 -1.68 -4.81 -7.85
CA ILE A 84 -3.07 -5.19 -7.61
C ILE A 84 -3.97 -4.42 -8.55
N ILE A 85 -5.00 -5.09 -9.07
CA ILE A 85 -5.96 -4.50 -10.00
C ILE A 85 -7.14 -3.98 -9.20
N TRP A 86 -7.44 -2.69 -9.36
CA TRP A 86 -8.50 -2.03 -8.61
C TRP A 86 -9.79 -1.99 -9.42
N ASP A 87 -10.90 -1.88 -8.69
CA ASP A 87 -12.20 -1.58 -9.26
C ASP A 87 -12.53 -0.16 -8.83
N SER A 88 -12.38 0.79 -9.76
CA SER A 88 -12.42 2.20 -9.41
C SER A 88 -13.80 2.61 -8.87
N TYR A 89 -14.86 2.08 -9.48
CA TYR A 89 -16.22 2.49 -9.09
C TYR A 89 -16.54 2.08 -7.65
N THR A 90 -16.11 0.89 -7.24
CA THR A 90 -16.52 0.32 -5.96
C THR A 90 -15.40 0.27 -4.94
N THR A 91 -14.14 0.44 -5.37
CA THR A 91 -12.90 0.45 -4.58
C THR A 91 -12.48 -0.97 -4.22
N ASN A 92 -13.20 -1.99 -4.66
CA ASN A 92 -12.77 -3.36 -4.42
C ASN A 92 -11.52 -3.69 -5.22
N LYS A 93 -10.78 -4.68 -4.74
CA LYS A 93 -9.57 -5.17 -5.40
C LYS A 93 -9.90 -6.48 -6.10
N VAL A 94 -9.63 -6.55 -7.40
CA VAL A 94 -9.98 -7.73 -8.19
C VAL A 94 -8.90 -8.80 -8.09
N HIS A 95 -7.63 -8.42 -8.24
CA HIS A 95 -6.54 -9.37 -8.23
C HIS A 95 -5.40 -8.82 -7.37
N ALA A 96 -4.54 -9.75 -6.92
CA ALA A 96 -3.34 -9.40 -6.15
C ALA A 96 -2.24 -10.37 -6.58
N ILE A 97 -1.41 -9.93 -7.51
CA ILE A 97 -0.39 -10.79 -8.13
C ILE A 97 0.91 -10.62 -7.34
N PRO A 98 1.44 -11.67 -6.73
CA PRO A 98 2.76 -11.57 -6.08
C PRO A 98 3.87 -11.77 -7.11
N LEU A 99 4.69 -10.75 -7.30
CA LEU A 99 5.73 -10.73 -8.32
C LEU A 99 7.10 -10.99 -7.69
N ARG A 100 8.00 -11.55 -8.50
CA ARG A 100 9.25 -12.10 -7.99
C ARG A 100 10.25 -11.02 -7.58
N SER A 101 10.44 -10.01 -8.43
CA SER A 101 11.49 -9.01 -8.23
C SER A 101 10.84 -7.71 -7.80
N SER A 102 10.98 -7.38 -6.50
CA SER A 102 10.26 -6.26 -5.91
C SER A 102 10.63 -4.92 -6.55
N TRP A 103 11.75 -4.83 -7.25
CA TRP A 103 12.18 -3.58 -7.88
C TRP A 103 11.52 -3.47 -9.25
N VAL A 104 10.33 -2.87 -9.27
CA VAL A 104 9.56 -2.66 -10.49
C VAL A 104 9.33 -1.17 -10.66
N MET A 105 9.52 -0.67 -11.89
CA MET A 105 9.42 0.75 -12.16
C MET A 105 8.34 1.11 -13.17
N THR A 106 7.64 0.14 -13.74
CA THR A 106 6.60 0.42 -14.72
C THR A 106 5.64 -0.75 -14.79
N CYS A 107 4.46 -0.48 -15.36
CA CYS A 107 3.44 -1.50 -15.56
C CYS A 107 2.57 -1.10 -16.73
N ALA A 108 1.88 -2.10 -17.29
CA ALA A 108 1.00 -1.87 -18.43
C ALA A 108 -0.23 -2.78 -18.31
N TYR A 109 -1.31 -2.33 -18.94
CA TYR A 109 -2.56 -3.09 -18.97
C TYR A 109 -2.99 -3.22 -20.43
N ALA A 110 -3.26 -4.45 -20.86
CA ALA A 110 -3.53 -4.70 -22.26
C ALA A 110 -4.84 -4.02 -22.68
N PRO A 111 -4.91 -3.52 -23.91
CA PRO A 111 -6.17 -2.90 -24.37
C PRO A 111 -7.35 -3.85 -24.38
N SER A 112 -7.12 -5.13 -24.69
CA SER A 112 -8.21 -6.10 -24.66
C SER A 112 -8.60 -6.47 -23.24
N GLY A 113 -7.65 -6.40 -22.30
CA GLY A 113 -7.92 -6.71 -20.91
C GLY A 113 -7.53 -8.09 -20.45
N ASN A 114 -6.86 -8.88 -21.29
CA ASN A 114 -6.49 -10.23 -20.93
C ASN A 114 -5.11 -10.34 -20.29
N TYR A 115 -4.23 -9.37 -20.53
CA TYR A 115 -2.85 -9.46 -20.09
C TYR A 115 -2.45 -8.23 -19.30
N VAL A 116 -1.49 -8.42 -18.39
CA VAL A 116 -0.87 -7.33 -17.65
C VAL A 116 0.63 -7.57 -17.67
N ALA A 117 1.39 -6.55 -18.05
CA ALA A 117 2.85 -6.65 -18.15
C ALA A 117 3.50 -5.73 -17.12
N CYS A 118 4.49 -6.28 -16.41
CA CYS A 118 5.24 -5.51 -15.43
C CYS A 118 6.72 -5.81 -15.59
N GLY A 119 7.54 -4.80 -15.30
CA GLY A 119 8.98 -4.92 -15.43
C GLY A 119 9.71 -3.75 -14.80
N GLY A 120 10.90 -4.00 -14.28
CA GLY A 120 11.62 -2.95 -13.60
C GLY A 120 13.13 -3.07 -13.66
N LEU A 121 13.79 -2.88 -12.51
CA LEU A 121 15.24 -2.87 -12.40
C LEU A 121 15.85 -4.26 -12.55
N ASP A 122 15.04 -5.30 -12.75
CA ASP A 122 15.54 -6.66 -12.87
C ASP A 122 15.88 -7.06 -14.30
N ASN A 123 15.75 -6.13 -15.25
CA ASN A 123 16.13 -6.33 -16.66
C ASN A 123 15.28 -7.38 -17.36
N ILE A 124 14.08 -7.67 -16.85
CA ILE A 124 13.21 -8.68 -17.42
C ILE A 124 11.79 -8.15 -17.44
N CYS A 125 11.10 -8.35 -18.57
CA CYS A 125 9.69 -7.99 -18.71
C CYS A 125 8.83 -9.23 -18.50
N SER A 126 7.88 -9.13 -17.58
CA SER A 126 7.01 -10.25 -17.24
C SER A 126 5.58 -9.95 -17.68
N ILE A 127 4.94 -10.94 -18.30
CA ILE A 127 3.57 -10.82 -18.79
C ILE A 127 2.71 -11.85 -18.08
N TYR A 128 1.61 -11.40 -17.48
CA TYR A 128 0.73 -12.24 -16.68
C TYR A 128 -0.58 -12.45 -17.40
N ASN A 129 -1.11 -13.67 -17.30
CA ASN A 129 -2.37 -14.03 -17.94
C ASN A 129 -3.50 -13.84 -16.92
N LEU A 130 -4.39 -12.88 -17.19
CA LEU A 130 -5.48 -12.58 -16.26
C LEU A 130 -6.63 -13.56 -16.42
N LYS A 131 -7.21 -13.64 -17.62
CA LYS A 131 -8.38 -14.46 -17.88
C LYS A 131 -7.91 -15.85 -18.30
N THR A 132 -8.03 -16.82 -17.39
CA THR A 132 -7.63 -18.19 -17.67
C THR A 132 -8.38 -19.11 -16.71
N ARG A 133 -8.39 -20.40 -17.05
CA ARG A 133 -8.98 -21.39 -16.17
C ARG A 133 -8.08 -21.58 -14.94
N GLU A 134 -8.52 -22.50 -14.06
CA GLU A 134 -7.83 -22.87 -12.82
C GLU A 134 -7.78 -21.74 -11.80
N GLY A 135 -8.40 -20.60 -12.06
CA GLY A 135 -8.48 -19.55 -11.06
C GLY A 135 -7.40 -18.50 -11.14
N ASN A 136 -6.35 -18.66 -10.32
CA ASN A 136 -5.34 -17.63 -10.14
C ASN A 136 -4.63 -17.30 -11.45
N VAL A 137 -3.92 -16.17 -11.44
CA VAL A 137 -3.18 -15.73 -12.61
C VAL A 137 -1.86 -16.48 -12.71
N ARG A 138 -1.28 -16.47 -13.90
CA ARG A 138 -0.06 -17.21 -14.19
C ARG A 138 0.85 -16.35 -15.07
N VAL A 139 2.15 -16.59 -14.96
CA VAL A 139 3.14 -15.86 -15.75
C VAL A 139 3.18 -16.49 -17.15
N SER A 140 2.69 -15.74 -18.14
CA SER A 140 2.62 -16.28 -19.50
C SER A 140 3.99 -16.39 -20.14
N ARG A 141 4.81 -15.34 -20.02
CA ARG A 141 6.09 -15.30 -20.70
C ARG A 141 6.99 -14.29 -20.02
N GLU A 142 8.28 -14.60 -19.96
CA GLU A 142 9.30 -13.71 -19.44
C GLU A 142 10.18 -13.24 -20.58
N LEU A 143 10.33 -11.93 -20.73
CA LEU A 143 11.07 -11.33 -21.84
C LEU A 143 12.45 -10.92 -21.34
N ALA A 144 13.48 -11.44 -22.00
CA ALA A 144 14.86 -11.16 -21.63
C ALA A 144 15.66 -10.75 -22.87
N GLY A 145 16.71 -9.97 -22.64
CA GLY A 145 17.55 -9.51 -23.73
C GLY A 145 18.08 -8.10 -23.53
N HIS A 146 17.45 -7.34 -22.63
CA HIS A 146 17.92 -6.00 -22.32
C HIS A 146 19.09 -6.06 -21.35
N THR A 147 19.82 -4.94 -21.26
CA THR A 147 20.98 -4.86 -20.39
C THR A 147 20.95 -3.63 -19.48
N GLY A 148 19.85 -2.90 -19.43
CA GLY A 148 19.75 -1.74 -18.57
C GLY A 148 18.70 -1.87 -17.49
N TYR A 149 17.61 -1.13 -17.62
CA TYR A 149 16.47 -1.25 -16.73
C TYR A 149 15.24 -0.73 -17.46
N LEU A 150 14.14 -1.48 -17.36
CA LEU A 150 12.93 -1.11 -18.06
C LEU A 150 12.33 0.16 -17.46
N SER A 151 12.04 1.13 -18.33
CA SER A 151 11.48 2.41 -17.90
C SER A 151 9.99 2.54 -18.19
N CYS A 152 9.53 2.01 -19.33
CA CYS A 152 8.13 2.08 -19.69
C CYS A 152 7.78 0.90 -20.58
N CYS A 153 6.50 0.52 -20.55
CA CYS A 153 6.00 -0.58 -21.37
C CYS A 153 4.60 -0.25 -21.85
N ARG A 154 4.39 -0.39 -23.16
CA ARG A 154 3.10 -0.14 -23.79
C ARG A 154 2.71 -1.35 -24.63
N PHE A 155 1.40 -1.56 -24.76
CA PHE A 155 0.86 -2.68 -25.51
C PHE A 155 0.31 -2.19 -26.85
N LEU A 156 0.70 -2.87 -27.93
CA LEU A 156 0.09 -2.63 -29.24
C LEU A 156 -1.06 -3.59 -29.48
N ASP A 157 -0.78 -4.88 -29.48
CA ASP A 157 -1.79 -5.92 -29.58
C ASP A 157 -1.64 -6.90 -28.42
N ASP A 158 -2.35 -8.02 -28.46
CA ASP A 158 -2.18 -9.07 -27.47
C ASP A 158 -0.94 -9.92 -27.73
N ASN A 159 -0.25 -9.70 -28.85
CA ASN A 159 0.95 -10.44 -29.19
C ASN A 159 2.18 -9.56 -29.40
N GLN A 160 2.03 -8.24 -29.45
CA GLN A 160 3.13 -7.32 -29.67
C GLN A 160 3.22 -6.35 -28.50
N ILE A 161 4.43 -6.15 -28.00
CA ILE A 161 4.69 -5.24 -26.89
C ILE A 161 5.96 -4.46 -27.18
N VAL A 162 5.96 -3.16 -26.88
CA VAL A 162 7.11 -2.30 -27.05
C VAL A 162 7.62 -1.90 -25.67
N THR A 163 8.94 -2.00 -25.47
CA THR A 163 9.56 -1.74 -24.19
C THR A 163 10.62 -0.66 -24.33
N SER A 164 10.87 0.04 -23.23
CA SER A 164 11.89 1.09 -23.16
C SER A 164 12.83 0.77 -22.02
N SER A 165 14.09 0.51 -22.33
CA SER A 165 15.07 0.06 -21.36
C SER A 165 16.10 1.15 -21.11
N GLY A 166 16.86 0.99 -20.03
CA GLY A 166 17.83 1.98 -19.63
C GLY A 166 19.12 1.99 -20.42
N ASP A 167 19.33 1.02 -21.30
CA ASP A 167 20.56 0.96 -22.09
C ASP A 167 20.40 1.66 -23.44
N THR A 168 19.89 2.90 -23.40
CA THR A 168 19.83 3.79 -24.56
C THR A 168 19.18 3.13 -25.78
N THR A 169 18.27 2.18 -25.56
CA THR A 169 17.66 1.46 -26.65
C THR A 169 16.18 1.20 -26.38
N CYS A 170 15.44 1.02 -27.47
CA CYS A 170 14.05 0.59 -27.42
C CYS A 170 13.89 -0.63 -28.33
N ALA A 171 12.90 -1.46 -28.00
CA ALA A 171 12.73 -2.72 -28.72
C ALA A 171 11.25 -3.04 -28.87
N LEU A 172 10.95 -3.85 -29.88
CA LEU A 172 9.61 -4.36 -30.13
C LEU A 172 9.68 -5.87 -30.10
N TRP A 173 8.85 -6.49 -29.27
CA TRP A 173 8.87 -7.92 -29.06
C TRP A 173 7.58 -8.57 -29.55
N ASP A 174 7.63 -9.89 -29.72
CA ASP A 174 6.44 -10.72 -29.88
C ASP A 174 6.36 -11.73 -28.73
N ILE A 175 5.18 -11.83 -28.12
CA ILE A 175 5.04 -12.63 -26.90
C ILE A 175 5.12 -14.12 -27.22
N GLU A 176 4.56 -14.54 -28.35
CA GLU A 176 4.45 -15.98 -28.64
C GLU A 176 5.82 -16.65 -28.76
N THR A 177 6.84 -15.92 -29.20
CA THR A 177 8.18 -16.47 -29.32
C THR A 177 9.20 -15.83 -28.40
N GLY A 178 8.94 -14.63 -27.90
CA GLY A 178 9.89 -13.96 -27.02
C GLY A 178 11.19 -13.57 -27.69
N GLN A 179 11.12 -13.03 -28.90
CA GLN A 179 12.30 -12.62 -29.65
C GLN A 179 12.18 -11.16 -30.05
N GLN A 180 13.32 -10.47 -30.09
CA GLN A 180 13.38 -9.06 -30.46
C GLN A 180 13.10 -8.93 -31.95
N THR A 181 11.88 -8.50 -32.29
CA THR A 181 11.51 -8.34 -33.69
C THR A 181 12.24 -7.15 -34.31
N THR A 182 12.23 -6.00 -33.62
CA THR A 182 12.86 -4.79 -34.12
C THR A 182 13.53 -4.07 -32.95
N THR A 183 14.68 -3.44 -33.25
CA THR A 183 15.43 -2.71 -32.24
C THR A 183 15.69 -1.30 -32.74
N PHE A 184 15.35 -0.32 -31.91
CA PHE A 184 15.58 1.09 -32.22
C PHE A 184 16.77 1.59 -31.43
N THR A 185 17.76 2.15 -32.12
CA THR A 185 18.98 2.66 -31.47
C THR A 185 19.40 3.96 -32.14
N GLY A 186 19.06 5.08 -31.53
CA GLY A 186 19.49 6.38 -32.01
C GLY A 186 19.80 7.35 -30.88
N HIS A 187 19.68 6.88 -29.64
CA HIS A 187 19.86 7.71 -28.46
C HIS A 187 21.28 7.59 -27.91
N THR A 188 21.71 8.63 -27.21
CA THR A 188 23.03 8.66 -26.57
C THR A 188 22.89 8.79 -25.05
N GLY A 189 21.77 8.33 -24.50
CA GLY A 189 21.53 8.38 -23.08
C GLY A 189 20.35 7.50 -22.71
N ASP A 190 20.16 7.33 -21.40
CA ASP A 190 19.09 6.48 -20.92
C ASP A 190 17.74 7.06 -21.30
N VAL A 191 16.87 6.21 -21.86
CA VAL A 191 15.53 6.62 -22.27
C VAL A 191 14.55 6.26 -21.16
N MET A 192 13.70 7.21 -20.80
CA MET A 192 12.87 7.11 -19.59
C MET A 192 11.39 6.96 -19.86
N SER A 193 10.89 7.41 -21.02
CA SER A 193 9.46 7.41 -21.28
C SER A 193 9.21 6.88 -22.68
N LEU A 194 7.92 6.67 -22.99
CA LEU A 194 7.48 6.14 -24.27
C LEU A 194 5.97 6.27 -24.34
N SER A 195 5.45 6.58 -25.52
CA SER A 195 4.01 6.73 -25.72
C SER A 195 3.64 6.40 -27.15
N LEU A 196 2.62 5.58 -27.32
CA LEU A 196 2.17 5.15 -28.64
C LEU A 196 1.13 6.12 -29.19
N ALA A 197 1.12 6.26 -30.52
CA ALA A 197 0.12 7.07 -31.17
C ALA A 197 -1.24 6.38 -31.12
N PRO A 198 -2.32 7.15 -31.28
CA PRO A 198 -3.67 6.52 -31.26
C PRO A 198 -3.86 5.45 -32.32
N ASP A 199 -3.22 5.58 -33.48
CA ASP A 199 -3.34 4.58 -34.54
C ASP A 199 -2.32 3.45 -34.41
N THR A 200 -1.42 3.54 -33.42
CA THR A 200 -0.41 2.50 -33.17
C THR A 200 0.45 2.24 -34.40
N ARG A 201 0.75 3.28 -35.16
CA ARG A 201 1.64 3.20 -36.30
C ARG A 201 3.01 3.77 -36.03
N LEU A 202 3.15 4.62 -35.03
CA LEU A 202 4.41 5.27 -34.69
C LEU A 202 4.37 5.70 -33.24
N PHE A 203 5.56 5.96 -32.69
CA PHE A 203 5.67 6.35 -31.29
C PHE A 203 6.90 7.24 -31.12
N VAL A 204 6.92 7.97 -30.00
CA VAL A 204 8.02 8.87 -29.66
C VAL A 204 8.56 8.47 -28.29
N SER A 205 9.87 8.65 -28.11
CA SER A 205 10.53 8.32 -26.85
C SER A 205 11.38 9.49 -26.40
N GLY A 206 11.54 9.62 -25.09
CA GLY A 206 12.35 10.68 -24.53
C GLY A 206 13.45 10.16 -23.63
N ALA A 207 14.67 10.65 -23.81
CA ALA A 207 15.84 10.11 -23.14
C ALA A 207 16.51 11.18 -22.26
N CYS A 208 17.65 10.81 -21.67
CA CYS A 208 18.41 11.69 -20.80
C CYS A 208 19.24 12.71 -21.57
N ASP A 209 19.11 12.76 -22.89
CA ASP A 209 19.83 13.72 -23.72
C ASP A 209 19.06 15.01 -23.92
N ALA A 210 17.93 15.18 -23.24
CA ALA A 210 17.05 16.33 -23.43
C ALA A 210 16.55 16.43 -24.87
N SER A 211 16.39 15.27 -25.52
CA SER A 211 15.92 15.21 -26.90
C SER A 211 14.90 14.10 -27.04
N ALA A 212 13.86 14.34 -27.83
CA ALA A 212 12.82 13.37 -28.10
C ALA A 212 12.86 12.98 -29.57
N LYS A 213 12.81 11.68 -29.84
CA LYS A 213 12.88 11.16 -31.19
C LYS A 213 11.57 10.48 -31.56
N LEU A 214 11.25 10.50 -32.85
CA LEU A 214 10.00 9.97 -33.37
C LEU A 214 10.32 8.74 -34.22
N TRP A 215 10.00 7.56 -33.69
CA TRP A 215 10.20 6.31 -34.39
C TRP A 215 8.90 5.89 -35.10
N ASP A 216 8.97 4.76 -35.78
CA ASP A 216 7.81 4.11 -36.35
C ASP A 216 8.00 2.60 -36.29
N VAL A 217 6.94 1.89 -35.89
CA VAL A 217 7.04 0.46 -35.65
C VAL A 217 7.14 -0.36 -36.94
N ARG A 218 6.98 0.27 -38.09
CA ARG A 218 6.97 -0.47 -39.35
C ARG A 218 8.40 -0.78 -39.82
N GLU A 219 9.19 0.25 -40.09
CA GLU A 219 10.54 0.04 -40.60
C GLU A 219 11.60 0.02 -39.51
N GLY A 220 11.37 0.72 -38.40
CA GLY A 220 12.34 0.77 -37.33
C GLY A 220 13.39 1.85 -37.47
N MET A 221 13.15 2.86 -38.29
CA MET A 221 14.09 3.95 -38.51
C MET A 221 13.51 5.26 -37.99
N CYS A 222 14.34 6.04 -37.32
CA CYS A 222 13.89 7.31 -36.76
C CYS A 222 13.53 8.29 -37.87
N ARG A 223 12.47 9.06 -37.63
CA ARG A 223 11.97 10.04 -38.60
C ARG A 223 12.45 11.45 -38.29
N GLN A 224 12.15 11.95 -37.09
CA GLN A 224 12.48 13.32 -36.72
C GLN A 224 13.04 13.32 -35.29
N THR A 225 13.82 14.36 -35.00
CA THR A 225 14.41 14.55 -33.68
C THR A 225 14.05 15.93 -33.16
N PHE A 226 13.52 15.98 -31.95
CA PHE A 226 13.11 17.23 -31.31
C PHE A 226 14.02 17.53 -30.13
N THR A 227 14.30 18.81 -29.92
CA THR A 227 15.19 19.25 -28.85
C THR A 227 14.75 20.62 -28.37
N GLY A 228 15.30 21.03 -27.23
CA GLY A 228 14.96 22.31 -26.64
C GLY A 228 14.93 22.30 -25.12
N HIS A 229 15.00 21.11 -24.54
CA HIS A 229 15.01 20.99 -23.08
C HIS A 229 16.43 21.19 -22.56
N GLU A 230 16.52 21.68 -21.33
CA GLU A 230 17.80 21.97 -20.69
C GLU A 230 18.22 20.89 -19.69
N SER A 231 17.42 19.86 -19.49
CA SER A 231 17.73 18.82 -18.51
C SER A 231 17.05 17.52 -18.94
N ASP A 232 17.16 16.51 -18.09
CA ASP A 232 16.59 15.20 -18.39
C ASP A 232 15.07 15.30 -18.42
N ILE A 233 14.45 14.61 -19.37
CA ILE A 233 13.00 14.59 -19.53
C ILE A 233 12.47 13.25 -19.05
N ASN A 234 11.29 13.27 -18.44
CA ASN A 234 10.75 12.09 -17.77
C ASN A 234 9.37 11.65 -18.25
N ALA A 235 8.61 12.52 -18.92
CA ALA A 235 7.23 12.18 -19.27
C ALA A 235 6.93 12.64 -20.69
N ILE A 236 6.13 11.84 -21.39
CA ILE A 236 5.71 12.14 -22.76
C ILE A 236 4.26 11.70 -22.91
N CYS A 237 3.46 12.51 -23.62
CA CYS A 237 2.06 12.18 -23.87
C CYS A 237 1.62 12.81 -25.19
N PHE A 238 1.07 11.98 -26.08
CA PHE A 238 0.58 12.46 -27.36
C PHE A 238 -0.67 13.31 -27.18
N PHE A 239 -0.84 14.27 -28.08
CA PHE A 239 -2.09 14.99 -28.20
C PHE A 239 -3.18 14.03 -28.70
N PRO A 240 -4.43 14.22 -28.27
CA PRO A 240 -5.51 13.34 -28.74
C PRO A 240 -5.67 13.32 -30.26
N ASN A 241 -5.40 14.44 -30.94
CA ASN A 241 -5.47 14.46 -32.39
C ASN A 241 -4.40 13.57 -33.02
N GLY A 242 -3.24 13.46 -32.38
CA GLY A 242 -2.16 12.65 -32.88
C GLY A 242 -1.08 13.39 -33.66
N ASN A 243 -1.12 14.72 -33.68
CA ASN A 243 -0.14 15.51 -34.40
C ASN A 243 0.72 16.38 -33.48
N ALA A 244 0.69 16.13 -32.18
CA ALA A 244 1.46 16.92 -31.23
C ALA A 244 1.66 16.10 -29.96
N PHE A 245 2.60 16.54 -29.13
CA PHE A 245 2.84 15.90 -27.85
C PHE A 245 3.48 16.91 -26.91
N ALA A 246 3.45 16.59 -25.62
CA ALA A 246 4.02 17.43 -24.57
C ALA A 246 5.00 16.61 -23.75
N THR A 247 6.02 17.28 -23.22
CA THR A 247 7.08 16.63 -22.48
C THR A 247 7.32 17.36 -21.16
N GLY A 248 7.67 16.59 -20.13
CA GLY A 248 8.06 17.13 -18.85
C GLY A 248 9.50 16.75 -18.56
N SER A 249 10.19 17.62 -17.82
CA SER A 249 11.61 17.46 -17.57
C SER A 249 11.95 17.95 -16.17
N ASP A 250 13.22 17.75 -15.79
CA ASP A 250 13.74 18.29 -14.54
C ASP A 250 14.04 19.79 -14.61
N ASP A 251 13.90 20.38 -15.79
CA ASP A 251 14.08 21.82 -15.98
C ASP A 251 12.95 22.62 -15.35
N ALA A 252 11.90 21.95 -14.86
CA ALA A 252 10.70 22.55 -14.30
C ALA A 252 9.85 23.25 -15.36
N THR A 253 10.00 22.85 -16.62
CA THR A 253 9.24 23.43 -17.71
C THR A 253 8.61 22.31 -18.54
N CYS A 254 7.36 22.53 -18.94
CA CYS A 254 6.65 21.64 -19.87
C CYS A 254 6.50 22.37 -21.19
N ARG A 255 6.73 21.66 -22.29
CA ARG A 255 6.66 22.26 -23.61
C ARG A 255 5.94 21.32 -24.57
N LEU A 256 5.31 21.91 -25.58
CA LEU A 256 4.52 21.18 -26.57
C LEU A 256 5.19 21.31 -27.93
N PHE A 257 5.38 20.18 -28.59
CA PHE A 257 5.98 20.13 -29.92
C PHE A 257 4.91 19.75 -30.95
N ASP A 258 5.20 20.08 -32.21
CA ASP A 258 4.32 19.77 -33.33
C ASP A 258 5.07 18.91 -34.33
N LEU A 259 4.42 17.83 -34.77
CA LEU A 259 5.08 16.90 -35.68
C LEU A 259 5.26 17.49 -37.07
N ARG A 260 4.21 18.15 -37.60
CA ARG A 260 4.30 18.70 -38.95
C ARG A 260 5.20 19.92 -39.00
N ALA A 261 5.09 20.81 -38.01
CA ALA A 261 5.96 21.97 -37.96
C ALA A 261 7.39 21.62 -37.54
N ASP A 262 7.57 20.51 -36.83
CA ASP A 262 8.90 20.00 -36.46
C ASP A 262 9.69 21.00 -35.64
N GLN A 263 9.03 21.64 -34.67
CA GLN A 263 9.70 22.58 -33.79
C GLN A 263 8.82 22.86 -32.58
N GLU A 264 9.38 23.62 -31.65
CA GLU A 264 8.68 23.97 -30.42
C GLU A 264 7.44 24.82 -30.73
N LEU A 265 6.42 24.68 -29.88
CA LEU A 265 5.18 25.42 -30.02
C LEU A 265 4.75 26.16 -28.77
N MET A 266 5.13 25.67 -27.58
CA MET A 266 4.71 26.27 -26.32
C MET A 266 5.75 25.97 -25.26
N THR A 267 5.75 26.77 -24.20
CA THR A 267 6.46 26.48 -22.97
C THR A 267 5.58 26.80 -21.78
N TYR A 268 5.52 25.88 -20.82
CA TYR A 268 4.73 26.04 -19.61
C TYR A 268 5.68 26.14 -18.42
N SER A 269 5.77 27.32 -17.83
CA SER A 269 6.67 27.55 -16.71
C SER A 269 6.11 28.66 -15.84
N HIS A 270 6.56 28.68 -14.59
CA HIS A 270 6.19 29.73 -13.65
C HIS A 270 7.41 30.09 -12.81
N ASP A 271 7.39 31.31 -12.27
CA ASP A 271 8.53 31.80 -11.51
C ASP A 271 8.76 30.98 -10.24
N ASN A 272 7.68 30.62 -9.54
CA ASN A 272 7.77 29.93 -8.26
C ASN A 272 7.72 28.41 -8.40
N ILE A 273 8.03 27.88 -9.58
CA ILE A 273 8.09 26.43 -9.81
C ILE A 273 9.51 26.12 -10.25
N ILE A 274 10.31 25.54 -9.35
CA ILE A 274 11.72 25.28 -9.62
C ILE A 274 12.05 23.79 -9.53
N CYS A 275 11.04 22.92 -9.57
CA CYS A 275 11.27 21.49 -9.44
C CYS A 275 10.72 20.75 -10.66
N GLY A 276 11.26 19.55 -10.89
CA GLY A 276 10.99 18.81 -12.10
C GLY A 276 9.61 18.18 -12.14
N ILE A 277 9.33 17.51 -13.25
CA ILE A 277 8.03 16.89 -13.51
C ILE A 277 8.25 15.40 -13.77
N THR A 278 7.40 14.57 -13.18
CA THR A 278 7.48 13.13 -13.36
C THR A 278 6.34 12.54 -14.19
N SER A 279 5.30 13.31 -14.50
CA SER A 279 4.19 12.76 -15.27
C SER A 279 3.50 13.89 -16.03
N VAL A 280 3.10 13.59 -17.26
CA VAL A 280 2.37 14.52 -18.13
C VAL A 280 1.24 13.75 -18.81
N SER A 281 0.06 14.36 -18.84
CA SER A 281 -1.10 13.74 -19.48
C SER A 281 -2.03 14.82 -19.99
N PHE A 282 -2.79 14.47 -21.04
CA PHE A 282 -3.74 15.38 -21.67
C PHE A 282 -5.17 15.00 -21.33
N SER A 283 -6.07 15.97 -21.47
CA SER A 283 -7.49 15.74 -21.32
C SER A 283 -8.06 15.16 -22.61
N LYS A 284 -9.33 14.75 -22.56
CA LYS A 284 -9.97 14.19 -23.75
C LYS A 284 -10.07 15.21 -24.87
N SER A 285 -10.47 16.44 -24.53
CA SER A 285 -10.58 17.50 -25.53
C SER A 285 -9.24 18.09 -25.92
N GLY A 286 -8.21 17.91 -25.09
CA GLY A 286 -6.91 18.49 -25.35
C GLY A 286 -6.74 19.92 -24.88
N ARG A 287 -7.77 20.52 -24.28
CA ARG A 287 -7.68 21.90 -23.82
C ARG A 287 -6.98 22.01 -22.46
N LEU A 288 -6.85 20.91 -21.73
CA LEU A 288 -6.20 20.91 -20.43
C LEU A 288 -4.98 20.01 -20.45
N LEU A 289 -3.96 20.42 -19.69
CA LEU A 289 -2.70 19.67 -19.59
C LEU A 289 -2.42 19.40 -18.12
N LEU A 290 -2.26 18.13 -17.78
CA LEU A 290 -1.99 17.72 -16.41
C LEU A 290 -0.51 17.38 -16.27
N ALA A 291 0.17 18.03 -15.33
CA ALA A 291 1.58 17.80 -15.07
C ALA A 291 1.79 17.53 -13.59
N GLY A 292 2.51 16.46 -13.27
CA GLY A 292 2.74 16.10 -11.89
C GLY A 292 4.12 16.48 -11.39
N TYR A 293 4.18 17.49 -10.53
CA TYR A 293 5.44 17.95 -9.97
C TYR A 293 5.82 17.15 -8.74
N ASP A 294 7.05 17.34 -8.29
CA ASP A 294 7.54 16.75 -7.06
C ASP A 294 7.26 17.62 -5.84
N ASP A 295 6.58 18.74 -6.01
CA ASP A 295 6.22 19.65 -4.93
C ASP A 295 5.01 19.17 -4.14
N PHE A 296 4.68 17.88 -4.25
CA PHE A 296 3.60 17.20 -3.55
C PHE A 296 2.23 17.57 -4.12
N ASN A 297 2.17 18.15 -5.31
CA ASN A 297 0.91 18.50 -5.93
C ASN A 297 1.10 18.56 -7.43
N CYS A 298 -0.02 18.52 -8.16
CA CYS A 298 -0.03 18.61 -9.60
C CYS A 298 -0.91 19.76 -10.04
N ASN A 299 -0.51 20.43 -11.12
CA ASN A 299 -1.22 21.60 -11.62
C ASN A 299 -1.92 21.27 -12.93
N VAL A 300 -2.86 22.13 -13.30
CA VAL A 300 -3.61 22.02 -14.55
C VAL A 300 -3.29 23.23 -15.40
N TRP A 301 -2.77 22.98 -16.60
CA TRP A 301 -2.37 24.03 -17.52
C TRP A 301 -3.34 24.12 -18.69
N ASP A 302 -3.76 25.33 -19.02
CA ASP A 302 -4.55 25.58 -20.21
C ASP A 302 -3.61 25.47 -21.41
N ALA A 303 -3.73 24.35 -22.15
CA ALA A 303 -2.75 24.03 -23.17
C ALA A 303 -2.70 25.04 -24.30
N LEU A 304 -3.75 25.84 -24.49
CA LEU A 304 -3.81 26.79 -25.59
C LEU A 304 -3.41 28.20 -25.19
N LYS A 305 -3.11 28.45 -23.92
CA LYS A 305 -2.72 29.79 -23.48
C LYS A 305 -1.57 29.81 -22.50
N ALA A 306 -1.05 28.66 -22.08
CA ALA A 306 0.06 28.58 -21.13
C ALA A 306 -0.28 29.34 -19.84
N ASP A 307 -1.52 29.20 -19.39
CA ASP A 307 -2.01 29.87 -18.19
C ASP A 307 -2.56 28.80 -17.26
N ARG A 308 -2.16 28.86 -15.99
CA ARG A 308 -2.58 27.84 -15.03
C ARG A 308 -4.06 27.98 -14.71
N ALA A 309 -4.73 26.84 -14.57
CA ALA A 309 -6.17 26.81 -14.32
C ALA A 309 -6.50 26.44 -12.88
N GLY A 310 -5.95 25.34 -12.37
CA GLY A 310 -6.23 24.91 -11.01
C GLY A 310 -5.06 24.13 -10.43
N VAL A 311 -5.20 23.82 -9.14
CA VAL A 311 -4.17 23.09 -8.40
C VAL A 311 -4.84 21.90 -7.71
N LEU A 312 -4.22 20.73 -7.83
CA LEU A 312 -4.71 19.51 -7.21
C LEU A 312 -3.69 19.12 -6.13
N ALA A 313 -3.89 19.65 -4.93
CA ALA A 313 -2.98 19.43 -3.80
C ALA A 313 -3.70 18.58 -2.76
N GLY A 314 -3.44 17.28 -2.78
CA GLY A 314 -4.03 16.37 -1.81
C GLY A 314 -3.08 15.26 -1.40
N HIS A 315 -1.82 15.37 -1.82
CA HIS A 315 -0.83 14.33 -1.58
C HIS A 315 0.23 14.83 -0.60
N ASP A 316 0.76 13.90 0.19
CA ASP A 316 1.80 14.20 1.17
C ASP A 316 3.19 13.88 0.66
N ASN A 317 3.33 13.51 -0.61
CA ASN A 317 4.63 13.20 -1.19
C ASN A 317 4.54 13.42 -2.69
N ARG A 318 5.70 13.32 -3.35
CA ARG A 318 5.75 13.58 -4.79
C ARG A 318 4.92 12.54 -5.55
N VAL A 319 4.26 12.99 -6.60
CA VAL A 319 3.46 12.10 -7.43
C VAL A 319 4.37 11.49 -8.50
N SER A 320 4.32 10.16 -8.62
CA SER A 320 5.16 9.44 -9.56
C SER A 320 4.40 8.93 -10.79
N CYS A 321 3.09 9.09 -10.83
CA CYS A 321 2.30 8.63 -11.96
C CYS A 321 1.01 9.43 -12.05
N LEU A 322 0.44 9.46 -13.24
CA LEU A 322 -0.78 10.22 -13.50
C LEU A 322 -1.40 9.70 -14.79
N GLY A 323 -2.71 9.52 -14.77
CA GLY A 323 -3.41 8.99 -15.93
C GLY A 323 -4.83 9.50 -15.99
N VAL A 324 -5.35 9.60 -17.21
CA VAL A 324 -6.70 10.07 -17.47
C VAL A 324 -7.48 8.96 -18.18
N THR A 325 -8.74 8.79 -17.79
CA THR A 325 -9.57 7.73 -18.35
C THR A 325 -9.73 7.92 -19.86
N ASP A 326 -10.06 6.82 -20.53
CA ASP A 326 -10.21 6.86 -21.98
C ASP A 326 -11.35 7.79 -22.40
N ASP A 327 -12.45 7.79 -21.67
CA ASP A 327 -13.57 8.68 -21.95
C ASP A 327 -13.42 10.04 -21.27
N GLY A 328 -12.33 10.27 -20.56
CA GLY A 328 -12.07 11.56 -19.95
C GLY A 328 -13.04 11.96 -18.85
N MET A 329 -13.42 11.02 -17.99
CA MET A 329 -14.35 11.30 -16.90
C MET A 329 -13.64 11.55 -15.57
N ALA A 330 -12.49 10.92 -15.34
CA ALA A 330 -11.77 11.08 -14.08
C ALA A 330 -10.27 10.97 -14.33
N VAL A 331 -9.51 11.55 -13.41
CA VAL A 331 -8.05 11.50 -13.45
C VAL A 331 -7.55 10.90 -12.14
N ALA A 332 -6.61 9.97 -12.25
CA ALA A 332 -6.05 9.27 -11.10
C ALA A 332 -4.57 9.64 -10.96
N THR A 333 -4.18 10.05 -9.76
CA THR A 333 -2.81 10.43 -9.46
C THR A 333 -2.29 9.54 -8.33
N GLY A 334 -1.11 8.95 -8.54
CA GLY A 334 -0.45 8.16 -7.53
C GLY A 334 0.83 8.84 -7.07
N SER A 335 1.22 8.57 -5.83
CA SER A 335 2.37 9.25 -5.23
C SER A 335 3.14 8.28 -4.36
N TRP A 336 4.27 8.76 -3.83
CA TRP A 336 5.07 7.98 -2.89
C TRP A 336 4.42 7.90 -1.52
N ASP A 337 3.33 8.63 -1.29
CA ASP A 337 2.57 8.58 -0.04
C ASP A 337 1.95 7.20 0.19
N SER A 338 1.91 6.36 -0.85
CA SER A 338 1.35 5.00 -0.89
C SER A 338 -0.16 5.01 -1.03
N PHE A 339 -0.77 6.16 -1.27
CA PHE A 339 -2.19 6.28 -1.57
C PHE A 339 -2.35 6.97 -2.91
N LEU A 340 -3.20 6.41 -3.78
CA LEU A 340 -3.52 7.02 -5.06
C LEU A 340 -5.00 7.39 -5.06
N LYS A 341 -5.29 8.63 -5.46
CA LYS A 341 -6.63 9.18 -5.40
C LYS A 341 -7.21 9.33 -6.79
N ILE A 342 -8.52 9.57 -6.83
CA ILE A 342 -9.26 9.76 -8.08
C ILE A 342 -9.97 11.10 -7.99
N TRP A 343 -9.75 11.96 -8.99
CA TRP A 343 -10.31 13.30 -9.03
C TRP A 343 -11.31 13.41 -10.17
N ASN A 344 -12.32 14.24 -9.96
CA ASN A 344 -13.37 14.44 -10.95
C ASN A 344 -13.96 15.83 -10.84
N ILE B 9 34.91 6.12 -36.75
CA ILE B 9 34.27 6.92 -37.79
C ILE B 9 33.02 6.22 -38.31
N ALA B 10 32.85 4.96 -37.92
CA ALA B 10 31.68 4.19 -38.34
C ALA B 10 30.40 4.80 -37.79
N GLN B 11 30.41 5.19 -36.51
CA GLN B 11 29.23 5.80 -35.91
C GLN B 11 28.96 7.18 -36.51
N ALA B 12 30.02 7.95 -36.77
CA ALA B 12 29.85 9.29 -37.32
C ALA B 12 29.25 9.25 -38.72
N ARG B 13 29.67 8.28 -39.54
CA ARG B 13 29.09 8.14 -40.87
C ARG B 13 27.60 7.82 -40.79
N LYS B 14 27.21 6.93 -39.87
CA LYS B 14 25.80 6.63 -39.67
C LYS B 14 25.04 7.87 -39.19
N LEU B 15 25.68 8.67 -38.33
CA LEU B 15 25.03 9.91 -37.87
C LEU B 15 24.79 10.87 -39.01
N VAL B 16 25.78 11.02 -39.90
CA VAL B 16 25.62 11.91 -41.05
C VAL B 16 24.54 11.38 -41.99
N GLU B 17 24.51 10.05 -42.20
CA GLU B 17 23.46 9.48 -43.04
C GLU B 17 22.08 9.73 -42.45
N GLN B 18 21.94 9.57 -41.13
CA GLN B 18 20.65 9.81 -40.48
C GLN B 18 20.25 11.28 -40.58
N LEU B 19 21.21 12.20 -40.38
CA LEU B 19 20.90 13.62 -40.52
C LEU B 19 20.48 13.96 -41.94
N LYS B 20 21.17 13.40 -42.94
CA LYS B 20 20.80 13.65 -44.33
C LYS B 20 19.41 13.10 -44.64
N MET B 21 19.08 11.92 -44.13
CA MET B 21 17.75 11.36 -44.33
C MET B 21 16.68 12.22 -43.66
N GLU B 22 16.99 12.73 -42.46
CA GLU B 22 16.01 13.54 -41.73
C GLU B 22 15.84 14.91 -42.36
N ALA B 23 16.86 15.42 -43.06
CA ALA B 23 16.80 16.76 -43.63
C ALA B 23 15.73 16.89 -44.71
N ASN B 24 15.31 15.78 -45.32
CA ASN B 24 14.29 15.83 -46.38
C ASN B 24 12.91 15.59 -45.78
N ILE B 25 12.41 16.61 -45.08
CA ILE B 25 11.07 16.60 -44.52
C ILE B 25 10.38 17.89 -44.95
N ASP B 26 9.16 17.77 -45.47
CA ASP B 26 8.39 18.91 -45.92
C ASP B 26 7.67 19.54 -44.74
N ARG B 27 7.93 20.82 -44.51
CA ARG B 27 7.32 21.55 -43.40
C ARG B 27 6.14 22.38 -43.89
N ILE B 28 5.35 22.85 -42.93
CA ILE B 28 4.22 23.73 -43.20
C ILE B 28 4.33 24.93 -42.27
N LYS B 29 3.72 26.03 -42.67
CA LYS B 29 3.72 27.21 -41.83
C LYS B 29 2.97 26.94 -40.52
N VAL B 30 3.48 27.50 -39.43
CA VAL B 30 2.93 27.20 -38.11
C VAL B 30 1.52 27.74 -37.98
N SER B 31 1.25 28.90 -38.58
CA SER B 31 -0.10 29.47 -38.52
C SER B 31 -1.14 28.50 -39.06
N LYS B 32 -0.77 27.70 -40.07
CA LYS B 32 -1.65 26.62 -40.52
C LYS B 32 -1.64 25.44 -39.55
N ALA B 33 -0.49 25.15 -38.95
CA ALA B 33 -0.42 24.05 -37.97
C ALA B 33 -1.03 24.44 -36.64
N ALA B 34 -0.89 25.70 -36.22
CA ALA B 34 -1.48 26.13 -34.97
C ALA B 34 -3.00 26.27 -35.05
N ALA B 35 -3.55 26.44 -36.25
CA ALA B 35 -4.99 26.53 -36.39
C ALA B 35 -5.66 25.17 -36.24
N ASP B 36 -4.96 24.10 -36.61
CA ASP B 36 -5.53 22.76 -36.47
C ASP B 36 -5.75 22.40 -35.00
N LEU B 37 -4.79 22.73 -34.13
CA LEU B 37 -4.95 22.45 -32.72
C LEU B 37 -6.13 23.19 -32.12
N MET B 38 -6.25 24.48 -32.44
CA MET B 38 -7.37 25.28 -31.93
C MET B 38 -8.70 24.77 -32.46
N ALA B 39 -8.74 24.38 -33.75
CA ALA B 39 -9.97 23.87 -34.32
C ALA B 39 -10.38 22.56 -33.66
N TYR B 40 -9.41 21.68 -33.39
CA TYR B 40 -9.72 20.43 -32.71
C TYR B 40 -10.20 20.67 -31.29
N CYS B 41 -9.58 21.62 -30.58
CA CYS B 41 -9.99 21.90 -29.21
C CYS B 41 -11.37 22.54 -29.15
N GLU B 42 -11.70 23.39 -30.12
CA GLU B 42 -13.00 24.07 -30.10
C GLU B 42 -14.14 23.14 -30.49
N ALA B 43 -13.89 22.17 -31.35
CA ALA B 43 -14.95 21.29 -31.85
C ALA B 43 -15.28 20.15 -30.89
N HIS B 44 -14.45 19.90 -29.87
CA HIS B 44 -14.67 18.82 -28.93
C HIS B 44 -14.83 19.31 -27.49
N ALA B 45 -15.22 20.58 -27.32
CA ALA B 45 -15.37 21.12 -25.97
C ALA B 45 -16.55 20.47 -25.24
N LYS B 46 -17.62 20.11 -25.95
CA LYS B 46 -18.78 19.53 -25.30
C LYS B 46 -18.49 18.13 -24.76
N GLU B 47 -17.66 17.35 -25.46
CA GLU B 47 -17.32 16.00 -25.02
C GLU B 47 -16.07 16.03 -24.13
N ASP B 48 -16.15 16.84 -23.07
CA ASP B 48 -15.06 16.97 -22.11
C ASP B 48 -15.66 17.16 -20.72
N PRO B 49 -15.87 16.07 -19.98
CA PRO B 49 -16.42 16.19 -18.62
C PRO B 49 -15.53 17.00 -17.70
N LEU B 50 -14.21 16.96 -17.87
CA LEU B 50 -13.33 17.72 -17.00
C LEU B 50 -13.47 19.22 -17.21
N LEU B 51 -13.55 19.67 -18.46
CA LEU B 51 -13.64 21.10 -18.73
C LEU B 51 -15.03 21.62 -18.38
N THR B 52 -16.08 20.91 -18.77
CA THR B 52 -17.45 21.28 -18.44
C THR B 52 -17.98 20.33 -17.38
N PRO B 53 -18.18 20.78 -16.14
CA PRO B 53 -18.66 19.87 -15.10
C PRO B 53 -20.02 19.29 -15.46
N VAL B 54 -20.20 18.00 -15.14
CA VAL B 54 -21.42 17.27 -15.47
C VAL B 54 -22.30 17.19 -14.24
N PRO B 55 -23.62 17.07 -14.39
CA PRO B 55 -24.48 16.90 -13.21
C PRO B 55 -24.23 15.57 -12.53
N ALA B 56 -24.53 15.54 -11.22
CA ALA B 56 -24.29 14.34 -10.43
C ALA B 56 -25.17 13.17 -10.87
N SER B 57 -26.21 13.43 -11.65
CA SER B 57 -27.05 12.33 -12.14
C SER B 57 -26.27 11.41 -13.07
N GLU B 58 -25.46 11.97 -13.96
CA GLU B 58 -24.68 11.19 -14.91
C GLU B 58 -23.25 10.95 -14.46
N ASN B 59 -22.88 11.40 -13.25
CA ASN B 59 -21.53 11.22 -12.76
C ASN B 59 -21.42 9.88 -12.04
N PRO B 60 -20.59 8.95 -12.52
CA PRO B 60 -20.45 7.66 -11.83
C PRO B 60 -19.66 7.74 -10.53
N PHE B 61 -18.99 8.85 -10.27
CA PHE B 61 -18.18 9.00 -9.05
C PHE B 61 -18.86 9.94 -8.06
N MET C 63 -15.90 29.51 54.77
CA MET C 63 -15.78 30.92 54.39
C MET C 63 -14.58 31.12 53.47
N VAL C 64 -13.52 31.72 54.00
CA VAL C 64 -12.33 31.98 53.20
C VAL C 64 -11.67 30.67 52.78
N THR C 65 -11.54 29.72 53.72
CA THR C 65 -10.92 28.45 53.40
C THR C 65 -11.74 27.66 52.38
N ALA C 66 -13.06 27.64 52.55
CA ALA C 66 -13.92 26.95 51.60
C ALA C 66 -13.85 27.59 50.22
N ILE C 67 -13.84 28.92 50.17
CA ILE C 67 -13.74 29.62 48.89
C ILE C 67 -12.42 29.31 48.21
N THR C 68 -11.33 29.32 48.97
CA THR C 68 -10.02 29.02 48.40
C THR C 68 -9.96 27.58 47.88
N ILE C 69 -10.52 26.64 48.64
CA ILE C 69 -10.53 25.24 48.20
C ILE C 69 -11.34 25.09 46.94
N MET C 70 -12.52 25.74 46.88
CA MET C 70 -13.34 25.67 45.68
C MET C 70 -12.64 26.27 44.47
N ALA C 71 -11.97 27.41 44.66
CA ALA C 71 -11.25 28.04 43.56
C ALA C 71 -10.12 27.15 43.06
N LEU C 72 -9.37 26.55 43.99
CA LEU C 72 -8.28 25.65 43.58
C LEU C 72 -8.82 24.43 42.84
N TYR C 73 -9.90 23.84 43.34
CA TYR C 73 -10.51 22.69 42.67
C TYR C 73 -10.97 23.06 41.26
N SER C 74 -11.63 24.21 41.13
CA SER C 74 -12.12 24.63 39.82
C SER C 74 -10.97 24.90 38.87
N ILE C 75 -9.90 25.53 39.35
CA ILE C 75 -8.76 25.82 38.49
C ILE C 75 -8.11 24.52 38.02
N VAL C 76 -7.92 23.57 38.94
CA VAL C 76 -7.30 22.30 38.58
C VAL C 76 -8.16 21.57 37.55
N CYS C 77 -9.47 21.52 37.78
CA CYS C 77 -10.36 20.84 36.85
C CYS C 77 -10.33 21.50 35.48
N VAL C 78 -10.37 22.83 35.44
CA VAL C 78 -10.41 23.53 34.15
C VAL C 78 -9.11 23.30 33.39
N VAL C 79 -7.98 23.43 34.06
CA VAL C 79 -6.69 23.24 33.38
C VAL C 79 -6.56 21.81 32.89
N GLY C 80 -6.92 20.83 33.73
CA GLY C 80 -6.81 19.44 33.31
C GLY C 80 -7.70 19.13 32.12
N LEU C 81 -8.96 19.57 32.18
CA LEU C 81 -9.89 19.31 31.08
C LEU C 81 -9.41 19.98 29.80
N PHE C 82 -8.97 21.23 29.87
CA PHE C 82 -8.51 21.92 28.67
C PHE C 82 -7.31 21.22 28.06
N GLY C 83 -6.31 20.88 28.88
CA GLY C 83 -5.13 20.22 28.35
C GLY C 83 -5.44 18.87 27.76
N ASN C 84 -6.25 18.07 28.46
CA ASN C 84 -6.58 16.74 27.96
C ASN C 84 -7.37 16.82 26.65
N PHE C 85 -8.36 17.72 26.57
CA PHE C 85 -9.15 17.83 25.35
C PHE C 85 -8.28 18.32 24.19
N LEU C 86 -7.38 19.27 24.45
CA LEU C 86 -6.47 19.72 23.40
C LEU C 86 -5.60 18.58 22.90
N VAL C 87 -5.07 17.77 23.83
CA VAL C 87 -4.22 16.66 23.42
C VAL C 87 -5.01 15.64 22.60
N MET C 88 -6.24 15.33 23.05
CA MET C 88 -7.09 14.40 22.31
C MET C 88 -7.37 14.90 20.90
N TYR C 89 -7.70 16.19 20.77
CA TYR C 89 -7.97 16.76 19.46
C TYR C 89 -6.74 16.72 18.57
N VAL C 90 -5.57 17.05 19.12
CA VAL C 90 -4.35 17.04 18.32
C VAL C 90 -4.03 15.64 17.84
N ILE C 91 -4.18 14.64 18.71
CA ILE C 91 -3.89 13.26 18.32
C ILE C 91 -4.87 12.78 17.25
N VAL C 92 -6.17 13.01 17.47
CA VAL C 92 -7.17 12.47 16.55
C VAL C 92 -7.08 13.15 15.19
N ARG C 93 -7.01 14.48 15.17
CA ARG C 93 -7.12 15.20 13.90
C ARG C 93 -5.86 15.05 13.05
N TYR C 94 -4.68 15.18 13.66
CA TYR C 94 -3.45 15.31 12.89
C TYR C 94 -2.73 13.98 12.71
N THR C 95 -2.34 13.33 13.82
CA THR C 95 -1.49 12.15 13.72
C THR C 95 -2.26 10.95 13.20
N LYS C 96 -3.49 10.74 13.69
CA LYS C 96 -4.36 9.65 13.24
C LYS C 96 -3.71 8.29 13.51
N MET C 97 -3.19 8.12 14.73
CA MET C 97 -2.68 6.84 15.22
C MET C 97 -1.56 6.30 14.33
N LYS C 98 -0.46 7.03 14.29
CA LYS C 98 0.69 6.63 13.48
C LYS C 98 1.36 5.38 14.05
N THR C 99 1.63 5.38 15.35
CA THR C 99 2.35 4.29 16.00
C THR C 99 1.68 3.91 17.31
N ALA C 100 2.22 2.87 17.96
CA ALA C 100 1.66 2.41 19.22
C ALA C 100 1.81 3.46 20.31
N THR C 101 2.86 4.29 20.25
CA THR C 101 3.01 5.37 21.21
C THR C 101 1.85 6.34 21.14
N ASN C 102 1.38 6.65 19.93
CA ASN C 102 0.22 7.51 19.77
C ASN C 102 -1.02 6.89 20.40
N ILE C 103 -1.19 5.56 20.23
CA ILE C 103 -2.33 4.89 20.84
C ILE C 103 -2.25 4.96 22.36
N TYR C 104 -1.06 4.75 22.92
CA TYR C 104 -0.90 4.81 24.36
C TYR C 104 -1.19 6.20 24.90
N ILE C 105 -0.69 7.24 24.21
CA ILE C 105 -0.94 8.60 24.66
C ILE C 105 -2.42 8.94 24.53
N PHE C 106 -3.08 8.46 23.46
CA PHE C 106 -4.51 8.66 23.30
C PHE C 106 -5.29 8.04 24.46
N ASN C 107 -4.96 6.79 24.80
CA ASN C 107 -5.63 6.13 25.91
C ASN C 107 -5.39 6.87 27.22
N LEU C 108 -4.16 7.30 27.47
CA LEU C 108 -3.85 7.99 28.71
C LEU C 108 -4.60 9.31 28.80
N ALA C 109 -4.68 10.06 27.68
CA ALA C 109 -5.39 11.33 27.67
C ALA C 109 -6.89 11.11 27.89
N LEU C 110 -7.44 10.00 27.41
CA LEU C 110 -8.88 9.74 27.69
C LEU C 110 -9.11 9.57 29.18
N ALA C 111 -8.45 8.59 29.82
CA ALA C 111 -8.70 8.29 31.24
C ALA C 111 -8.44 9.51 32.13
N ASP C 112 -7.36 10.23 31.87
CA ASP C 112 -7.04 11.40 32.73
C ASP C 112 -8.27 12.30 32.78
N ALA C 113 -8.84 12.66 31.63
CA ALA C 113 -9.99 13.59 31.58
C ALA C 113 -11.28 12.94 32.11
N LEU C 114 -11.51 11.66 31.81
CA LEU C 114 -12.70 10.98 32.36
C LEU C 114 -12.63 10.95 33.90
N ALA C 115 -11.42 11.08 34.47
CA ALA C 115 -11.28 11.13 35.95
C ALA C 115 -11.39 12.57 36.45
N THR C 116 -10.81 13.52 35.71
CA THR C 116 -10.81 14.94 36.15
C THR C 116 -12.20 15.52 35.88
N SER C 117 -12.89 15.04 34.84
CA SER C 117 -14.25 15.56 34.70
C SER C 117 -15.07 15.38 35.98
N THR C 118 -14.65 14.49 36.88
CA THR C 118 -15.39 14.17 38.10
C THR C 118 -15.27 15.24 39.18
N LEU C 119 -14.26 16.11 39.10
CA LEU C 119 -13.98 17.02 40.20
C LEU C 119 -15.11 17.98 40.56
N PRO C 120 -15.83 18.61 39.62
CA PRO C 120 -16.87 19.57 40.03
C PRO C 120 -17.96 18.95 40.90
N PHE C 121 -18.26 17.66 40.73
CA PHE C 121 -19.24 17.01 41.60
C PHE C 121 -18.76 16.99 43.05
N GLN C 122 -17.49 16.64 43.27
CA GLN C 122 -16.94 16.67 44.61
C GLN C 122 -16.90 18.10 45.15
N SER C 123 -16.58 19.07 44.29
CA SER C 123 -16.55 20.46 44.72
C SER C 123 -17.92 20.92 45.20
N VAL C 124 -18.97 20.63 44.43
CA VAL C 124 -20.31 21.05 44.81
C VAL C 124 -20.78 20.28 46.03
N ASN C 125 -20.34 19.02 46.18
CA ASN C 125 -20.67 18.26 47.38
C ASN C 125 -20.06 18.90 48.61
N TYR C 126 -18.81 19.36 48.51
CA TYR C 126 -18.16 20.00 49.65
C TYR C 126 -18.81 21.34 49.98
N LEU C 127 -19.05 22.18 48.95
CA LEU C 127 -19.61 23.50 49.21
C LEU C 127 -21.04 23.41 49.74
N MET C 128 -21.89 22.61 49.10
CA MET C 128 -23.27 22.51 49.54
C MET C 128 -23.38 21.81 50.90
N GLY C 129 -22.48 20.88 51.18
CA GLY C 129 -22.50 20.12 52.41
C GLY C 129 -23.34 18.86 52.37
N THR C 130 -24.20 18.71 51.36
CA THR C 130 -25.02 17.53 51.18
C THR C 130 -24.88 17.04 49.74
N TRP C 131 -25.41 15.85 49.48
CA TRP C 131 -25.36 15.27 48.14
C TRP C 131 -26.76 15.18 47.57
N PRO C 132 -27.21 16.13 46.76
CA PRO C 132 -28.56 16.08 46.19
C PRO C 132 -28.68 15.33 44.88
N PHE C 133 -27.57 14.80 44.36
CA PHE C 133 -27.60 14.15 43.05
C PHE C 133 -28.40 12.85 43.06
N GLY C 134 -28.42 12.12 44.17
CA GLY C 134 -29.17 10.89 44.24
C GLY C 134 -28.34 9.66 44.55
N ASN C 135 -28.66 8.55 43.92
CA ASN C 135 -27.99 7.27 44.18
C ASN C 135 -27.23 6.74 42.97
N ILE C 136 -27.89 6.67 41.81
CA ILE C 136 -27.24 6.13 40.61
C ILE C 136 -26.06 7.00 40.20
N LEU C 137 -26.25 8.32 40.22
CA LEU C 137 -25.16 9.21 39.81
C LEU C 137 -24.02 9.19 40.81
N CYS C 138 -24.33 9.07 42.11
CA CYS C 138 -23.27 8.90 43.10
C CYS C 138 -22.49 7.61 42.85
N LYS C 139 -23.21 6.53 42.54
CA LYS C 139 -22.57 5.27 42.20
C LYS C 139 -21.61 5.44 41.04
N ILE C 140 -22.07 6.09 39.96
CA ILE C 140 -21.23 6.22 38.77
C ILE C 140 -20.04 7.14 39.05
N VAL C 141 -20.24 8.18 39.87
CA VAL C 141 -19.13 9.05 40.24
C VAL C 141 -18.06 8.27 40.98
N ILE C 142 -18.46 7.49 41.98
CA ILE C 142 -17.48 6.73 42.77
C ILE C 142 -16.79 5.69 41.89
N SER C 143 -17.54 5.07 40.98
CA SER C 143 -16.95 4.06 40.11
C SER C 143 -15.93 4.67 39.16
N ILE C 144 -16.26 5.78 38.51
CA ILE C 144 -15.35 6.39 37.54
C ILE C 144 -14.23 7.14 38.27
N ASP C 145 -14.37 7.29 39.59
CA ASP C 145 -13.27 7.80 40.40
C ASP C 145 -12.30 6.73 40.85
N TYR C 146 -12.77 5.51 41.12
CA TYR C 146 -11.89 4.39 41.44
C TYR C 146 -11.40 3.64 40.21
N TYR C 147 -11.92 3.96 39.03
CA TYR C 147 -11.60 3.25 37.79
C TYR C 147 -10.46 3.91 37.03
N ASN C 148 -10.55 5.22 36.78
CA ASN C 148 -9.53 5.91 36.01
C ASN C 148 -8.22 6.00 36.77
N MET C 149 -8.28 6.08 38.10
CA MET C 149 -7.08 6.07 38.94
C MET C 149 -6.24 4.82 38.74
N PHE C 150 -6.86 3.70 38.35
CA PHE C 150 -6.13 2.49 37.99
C PHE C 150 -5.79 2.43 36.51
N THR C 151 -6.68 2.89 35.63
CA THR C 151 -6.38 2.85 34.20
C THR C 151 -5.14 3.68 33.87
N SER C 152 -5.02 4.87 34.47
CA SER C 152 -3.88 5.73 34.18
C SER C 152 -2.57 5.08 34.63
N ILE C 153 -2.56 4.49 35.83
CA ILE C 153 -1.35 3.85 36.34
C ILE C 153 -0.97 2.65 35.48
N PHE C 154 -1.95 1.84 35.08
CA PHE C 154 -1.66 0.73 34.19
C PHE C 154 -1.12 1.18 32.84
N THR C 155 -1.68 2.26 32.28
CA THR C 155 -1.15 2.80 31.02
C THR C 155 0.29 3.28 31.19
N LEU C 156 0.59 3.97 32.29
CA LEU C 156 1.97 4.42 32.53
C LEU C 156 2.93 3.24 32.64
N CYS C 157 2.54 2.19 33.39
CA CYS C 157 3.38 1.01 33.51
C CYS C 157 3.58 0.33 32.16
N THR C 158 2.52 0.25 31.36
CA THR C 158 2.63 -0.35 30.04
C THR C 158 3.59 0.44 29.16
N MET C 159 3.52 1.78 29.20
CA MET C 159 4.43 2.59 28.41
C MET C 159 5.87 2.40 28.87
N SER C 160 6.10 2.34 30.18
CA SER C 160 7.46 2.13 30.68
C SER C 160 8.01 0.78 30.24
N VAL C 161 7.18 -0.27 30.32
CA VAL C 161 7.63 -1.60 29.90
C VAL C 161 7.88 -1.62 28.40
N ASP C 162 7.05 -0.93 27.63
CA ASP C 162 7.24 -0.88 26.19
C ASP C 162 8.57 -0.21 25.85
N ARG C 163 8.86 0.91 26.51
CA ARG C 163 10.12 1.60 26.27
C ARG C 163 11.32 0.72 26.64
N TYR C 164 11.22 0.03 27.79
CA TYR C 164 12.32 -0.84 28.21
C TYR C 164 12.55 -1.97 27.22
N ILE C 165 11.47 -2.61 26.76
CA ILE C 165 11.63 -3.74 25.85
C ILE C 165 12.03 -3.26 24.46
N ALA C 166 11.73 -2.01 24.12
CA ALA C 166 12.16 -1.47 22.84
C ALA C 166 13.65 -1.14 22.84
N VAL C 167 14.15 -0.62 23.96
CA VAL C 167 15.55 -0.20 24.01
C VAL C 167 16.48 -1.38 24.28
N CYS C 168 16.13 -2.22 25.26
CA CYS C 168 17.05 -3.26 25.70
C CYS C 168 17.03 -4.50 24.80
N HIS C 169 15.88 -4.82 24.20
CA HIS C 169 15.72 -6.03 23.39
C HIS C 169 15.13 -5.66 22.04
N PRO C 170 15.97 -5.21 21.11
CA PRO C 170 15.44 -4.76 19.80
C PRO C 170 15.00 -5.90 18.91
N VAL C 171 15.71 -7.03 18.96
CA VAL C 171 15.36 -8.18 18.12
C VAL C 171 13.98 -8.69 18.47
N LYS C 172 13.68 -8.82 19.76
CA LYS C 172 12.36 -9.24 20.18
C LYS C 172 11.33 -8.13 19.99
N ALA C 173 11.74 -6.87 20.14
CA ALA C 173 10.83 -5.76 19.89
C ALA C 173 10.42 -5.67 18.43
N LEU C 174 11.20 -6.25 17.52
CA LEU C 174 10.80 -6.31 16.12
C LEU C 174 9.53 -7.12 15.94
N ASP C 175 9.32 -8.14 16.79
CA ASP C 175 8.14 -8.99 16.70
C ASP C 175 7.03 -8.52 17.64
N PHE C 176 7.38 -8.18 18.88
CA PHE C 176 6.36 -7.88 19.88
C PHE C 176 5.65 -6.56 19.58
N ARG C 177 6.39 -5.52 19.26
CA ARG C 177 5.84 -4.17 19.16
C ARG C 177 5.11 -4.03 17.83
N THR C 178 3.78 -4.21 17.87
CA THR C 178 2.90 -4.02 16.72
C THR C 178 1.65 -3.30 17.17
N PRO C 179 1.00 -2.55 16.27
CA PRO C 179 -0.25 -1.86 16.67
C PRO C 179 -1.32 -2.81 17.18
N ARG C 180 -1.42 -4.00 16.59
CA ARG C 180 -2.40 -4.97 17.08
C ARG C 180 -2.10 -5.38 18.52
N ASN C 181 -0.82 -5.60 18.84
CA ASN C 181 -0.44 -5.90 20.22
C ASN C 181 -0.74 -4.73 21.15
N ALA C 182 -0.54 -3.50 20.68
CA ALA C 182 -0.87 -2.33 21.49
C ALA C 182 -2.36 -2.28 21.80
N LYS C 183 -3.20 -2.53 20.79
CA LYS C 183 -4.64 -2.55 21.01
C LYS C 183 -5.04 -3.67 21.97
N ILE C 184 -4.45 -4.85 21.81
CA ILE C 184 -4.77 -5.97 22.70
C ILE C 184 -4.39 -5.64 24.13
N VAL C 185 -3.21 -5.05 24.33
CA VAL C 185 -2.75 -4.70 25.67
C VAL C 185 -3.65 -3.63 26.27
N ASN C 186 -4.06 -2.65 25.47
CA ASN C 186 -4.96 -1.62 25.95
C ASN C 186 -6.30 -2.21 26.39
N VAL C 187 -6.85 -3.12 25.60
CA VAL C 187 -8.11 -3.77 25.95
C VAL C 187 -7.94 -4.58 27.23
N CYS C 188 -6.83 -5.30 27.35
CA CYS C 188 -6.60 -6.09 28.55
C CYS C 188 -6.48 -5.20 29.78
N ASN C 189 -5.81 -4.05 29.65
CA ASN C 189 -5.71 -3.13 30.77
C ASN C 189 -7.08 -2.59 31.17
N TRP C 190 -7.90 -2.24 30.18
CA TRP C 190 -9.24 -1.74 30.50
C TRP C 190 -10.06 -2.82 31.21
N ILE C 191 -9.97 -4.07 30.75
CA ILE C 191 -10.71 -5.15 31.40
C ILE C 191 -10.20 -5.39 32.81
N LEU C 192 -8.89 -5.35 33.02
CA LEU C 192 -8.33 -5.55 34.35
C LEU C 192 -8.77 -4.45 35.30
N SER C 193 -8.82 -3.20 34.81
CA SER C 193 -9.33 -2.12 35.63
C SER C 193 -10.82 -2.30 35.93
N SER C 194 -11.58 -2.77 34.94
CA SER C 194 -13.01 -3.01 35.17
C SER C 194 -13.23 -4.11 36.20
N ALA C 195 -12.31 -5.06 36.29
CA ALA C 195 -12.45 -6.16 37.25
C ALA C 195 -12.55 -5.65 38.68
N ILE C 196 -12.00 -4.47 38.96
CA ILE C 196 -12.14 -3.85 40.27
C ILE C 196 -13.13 -2.69 40.26
N GLY C 197 -13.35 -2.04 39.10
CA GLY C 197 -14.34 -0.98 39.04
C GLY C 197 -15.76 -1.48 39.22
N LEU C 198 -16.08 -2.64 38.65
CA LEU C 198 -17.43 -3.18 38.73
C LEU C 198 -17.88 -3.48 40.16
N PRO C 199 -17.07 -4.10 41.03
CA PRO C 199 -17.52 -4.26 42.42
C PRO C 199 -17.88 -2.97 43.11
N VAL C 200 -17.17 -1.88 42.82
CA VAL C 200 -17.54 -0.58 43.37
C VAL C 200 -18.87 -0.11 42.82
N MET C 201 -19.14 -0.38 41.54
CA MET C 201 -20.44 -0.07 40.95
C MET C 201 -21.55 -0.82 41.67
N PHE C 202 -21.35 -2.11 41.93
CA PHE C 202 -22.40 -2.91 42.55
C PHE C 202 -22.51 -2.65 44.05
N MET C 203 -21.48 -2.08 44.66
CA MET C 203 -21.41 -2.00 46.12
C MET C 203 -21.66 -0.60 46.67
N ALA C 204 -21.23 0.44 45.97
CA ALA C 204 -21.37 1.80 46.50
C ALA C 204 -22.82 2.19 46.66
N THR C 205 -23.13 2.89 47.74
CA THR C 205 -24.48 3.32 48.06
C THR C 205 -24.46 4.74 48.59
N THR C 206 -25.65 5.29 48.84
CA THR C 206 -25.80 6.60 49.44
C THR C 206 -26.34 6.46 50.86
N LYS C 207 -25.96 7.38 51.73
CA LYS C 207 -26.33 7.35 53.14
C LYS C 207 -27.15 8.59 53.48
N TYR C 208 -28.28 8.37 54.16
CA TYR C 208 -29.14 9.45 54.62
C TYR C 208 -28.86 9.67 56.10
N ARG C 209 -28.06 10.69 56.41
CA ARG C 209 -27.68 10.99 57.79
C ARG C 209 -28.81 11.77 58.46
N GLN C 210 -28.52 12.34 59.63
CA GLN C 210 -29.54 13.06 60.39
C GLN C 210 -30.05 14.27 59.61
N GLY C 211 -29.14 15.02 59.00
CA GLY C 211 -29.55 16.22 58.27
C GLY C 211 -28.77 16.43 56.99
N SER C 212 -28.00 15.44 56.56
CA SER C 212 -27.18 15.54 55.37
C SER C 212 -27.18 14.22 54.64
N ILE C 213 -26.82 14.27 53.36
CA ILE C 213 -26.68 13.09 52.51
C ILE C 213 -25.26 13.04 51.99
N ASP C 214 -24.59 11.91 52.20
CA ASP C 214 -23.21 11.73 51.78
C ASP C 214 -23.06 10.38 51.09
N CYS C 215 -22.04 10.28 50.23
CA CYS C 215 -21.72 9.04 49.54
C CYS C 215 -20.73 8.25 50.37
N THR C 216 -21.11 7.04 50.76
CA THR C 216 -20.30 6.20 51.62
C THR C 216 -20.49 4.75 51.21
N LEU C 217 -19.48 3.93 51.47
CA LEU C 217 -19.52 2.51 51.15
C LEU C 217 -19.89 1.72 52.39
N THR C 218 -21.01 1.00 52.34
CA THR C 218 -21.48 0.18 53.43
C THR C 218 -21.02 -1.25 53.20
N PHE C 219 -20.27 -1.80 54.16
CA PHE C 219 -19.56 -3.05 53.97
C PHE C 219 -20.36 -4.21 54.52
N SER C 220 -20.08 -5.41 54.01
CA SER C 220 -20.94 -6.57 54.24
C SER C 220 -20.56 -7.32 55.52
N HIS C 221 -20.57 -6.56 56.63
CA HIS C 221 -20.49 -6.93 58.05
C HIS C 221 -19.11 -6.67 58.63
N PRO C 222 -18.01 -7.32 58.18
CA PRO C 222 -16.72 -6.92 58.77
C PRO C 222 -16.21 -5.61 58.16
N THR C 223 -16.75 -4.51 58.67
CA THR C 223 -16.43 -3.20 58.13
C THR C 223 -14.94 -2.89 58.24
N TRP C 224 -14.38 -3.06 59.44
CA TRP C 224 -12.96 -2.77 59.65
C TRP C 224 -12.08 -3.71 58.83
N TYR C 225 -12.36 -5.02 58.90
CA TYR C 225 -11.53 -6.00 58.21
C TYR C 225 -11.51 -5.75 56.70
N TRP C 226 -12.69 -5.65 56.09
CA TRP C 226 -12.76 -5.49 54.64
C TRP C 226 -12.29 -4.11 54.20
N GLU C 227 -12.56 -3.08 54.99
CA GLU C 227 -12.08 -1.74 54.65
C GLU C 227 -10.55 -1.70 54.66
N ASN C 228 -9.94 -2.30 55.69
CA ASN C 228 -8.48 -2.36 55.73
C ASN C 228 -7.93 -3.22 54.60
N LEU C 229 -8.63 -4.30 54.24
CA LEU C 229 -8.20 -5.12 53.12
C LEU C 229 -8.20 -4.31 51.83
N LEU C 230 -9.26 -3.55 51.59
CA LEU C 230 -9.33 -2.71 50.39
C LEU C 230 -8.23 -1.66 50.39
N LYS C 231 -8.01 -1.00 51.53
CA LYS C 231 -6.98 0.03 51.59
C LYS C 231 -5.59 -0.56 51.34
N ILE C 232 -5.29 -1.71 51.96
CA ILE C 232 -4.00 -2.34 51.75
C ILE C 232 -3.83 -2.78 50.31
N CYS C 233 -4.89 -3.34 49.72
CA CYS C 233 -4.80 -3.80 48.33
C CYS C 233 -4.54 -2.63 47.39
N VAL C 234 -5.26 -1.53 47.56
CA VAL C 234 -5.08 -0.39 46.66
C VAL C 234 -3.70 0.25 46.88
N PHE C 235 -3.24 0.30 48.13
CA PHE C 235 -1.91 0.85 48.40
C PHE C 235 -0.83 -0.02 47.75
N ILE C 236 -0.97 -1.34 47.83
CA ILE C 236 0.05 -2.23 47.29
C ILE C 236 0.05 -2.18 45.76
N PHE C 237 -1.14 -2.24 45.16
CA PHE C 237 -1.24 -2.35 43.70
C PHE C 237 -1.33 -1.01 42.99
N ALA C 238 -1.24 0.11 43.72
CA ALA C 238 -1.27 1.41 43.09
C ALA C 238 -0.08 2.30 43.42
N PHE C 239 0.77 1.92 44.37
CA PHE C 239 1.91 2.77 44.73
C PHE C 239 3.23 2.02 44.91
N ILE C 240 3.24 0.70 45.02
CA ILE C 240 4.47 -0.06 45.25
C ILE C 240 4.91 -0.78 43.98
N MET C 241 4.07 -1.68 43.45
CA MET C 241 4.41 -2.38 42.22
C MET C 241 4.62 -1.45 41.04
N PRO C 242 3.76 -0.46 40.76
CA PRO C 242 4.04 0.45 39.65
C PRO C 242 5.34 1.21 39.81
N VAL C 243 5.61 1.73 41.00
CA VAL C 243 6.85 2.47 41.24
C VAL C 243 8.05 1.56 40.99
N LEU C 244 8.01 0.34 41.53
CA LEU C 244 9.12 -0.58 41.37
C LEU C 244 9.34 -0.92 39.90
N ILE C 245 8.26 -1.23 39.16
CA ILE C 245 8.43 -1.65 37.78
C ILE C 245 8.95 -0.49 36.92
N ILE C 246 8.42 0.71 37.12
CA ILE C 246 8.88 1.83 36.30
C ILE C 246 10.32 2.20 36.62
N THR C 247 10.69 2.17 37.91
CA THR C 247 12.06 2.54 38.26
C THR C 247 13.05 1.51 37.76
N VAL C 248 12.71 0.21 37.85
CA VAL C 248 13.61 -0.82 37.34
C VAL C 248 13.74 -0.71 35.82
N CYS C 249 12.61 -0.54 35.13
CA CYS C 249 12.65 -0.45 33.67
C CYS C 249 13.50 0.75 33.22
N TYR C 250 13.27 1.91 33.82
CA TYR C 250 14.00 3.10 33.40
C TYR C 250 15.47 3.02 33.79
N GLY C 251 15.79 2.45 34.95
CA GLY C 251 17.17 2.29 35.32
C GLY C 251 17.92 1.37 34.38
N LEU C 252 17.31 0.23 34.03
CA LEU C 252 17.95 -0.68 33.09
C LEU C 252 18.08 -0.04 31.72
N MET C 253 17.07 0.70 31.27
CA MET C 253 17.13 1.37 29.98
C MET C 253 18.27 2.38 29.94
N ILE C 254 18.41 3.19 30.99
CA ILE C 254 19.48 4.19 31.04
C ILE C 254 20.84 3.51 31.10
N LEU C 255 20.96 2.45 31.90
CA LEU C 255 22.23 1.75 32.02
C LEU C 255 22.67 1.16 30.69
N ARG C 256 21.72 0.57 29.94
CA ARG C 256 22.07 0.02 28.64
C ARG C 256 22.36 1.12 27.63
N LEU C 257 21.61 2.22 27.68
CA LEU C 257 21.76 3.30 26.71
C LEU C 257 23.03 4.10 26.92
N LYS C 258 23.60 4.09 28.13
CA LYS C 258 24.82 4.84 28.40
C LYS C 258 26.02 4.33 27.62
N SER C 259 25.94 3.13 27.03
CA SER C 259 27.05 2.53 26.30
C SER C 259 26.77 2.38 24.82
N VAL C 260 25.90 3.23 24.26
CA VAL C 260 25.56 3.18 22.84
C VAL C 260 26.49 4.11 22.09
N ARG C 261 27.09 3.61 21.00
CA ARG C 261 28.02 4.41 20.22
C ARG C 261 27.37 5.66 19.64
N MET C 262 26.07 5.58 19.33
CA MET C 262 25.39 6.72 18.72
C MET C 262 25.18 7.86 19.69
N LEU C 263 25.27 7.61 21.01
CA LEU C 263 24.99 8.62 22.02
C LEU C 263 26.19 8.93 22.89
N SER C 264 27.41 8.67 22.41
CA SER C 264 28.60 8.97 23.18
C SER C 264 29.78 9.13 22.23
N GLY C 265 30.56 10.19 22.44
CA GLY C 265 31.74 10.42 21.63
C GLY C 265 31.96 11.87 21.23
N SER C 266 30.95 12.70 21.44
CA SER C 266 31.05 14.12 21.09
C SER C 266 30.17 14.91 22.06
N LYS C 267 29.90 16.17 21.73
CA LYS C 267 29.12 17.05 22.58
C LYS C 267 27.62 16.91 22.34
N GLU C 268 27.20 16.86 21.08
CA GLU C 268 25.77 16.75 20.77
C GLU C 268 25.21 15.42 21.26
N LYS C 269 25.95 14.33 21.09
CA LYS C 269 25.48 13.03 21.56
C LYS C 269 25.32 13.01 23.08
N ASP C 270 26.30 13.57 23.79
CA ASP C 270 26.21 13.64 25.24
C ASP C 270 25.04 14.52 25.68
N ARG C 271 24.80 15.62 24.94
CA ARG C 271 23.66 16.47 25.26
C ARG C 271 22.34 15.73 25.06
N ASN C 272 22.25 14.93 23.99
CA ASN C 272 21.04 14.14 23.76
C ASN C 272 20.83 13.12 24.87
N LEU C 273 21.90 12.43 25.28
CA LEU C 273 21.79 11.48 26.37
C LEU C 273 21.38 12.17 27.66
N ARG C 274 21.94 13.35 27.92
CA ARG C 274 21.58 14.11 29.11
C ARG C 274 20.11 14.51 29.08
N ARG C 275 19.60 14.94 27.93
CA ARG C 275 18.19 15.27 27.83
C ARG C 275 17.31 14.06 28.08
N ILE C 276 17.69 12.91 27.52
CA ILE C 276 16.90 11.69 27.71
C ILE C 276 16.84 11.32 29.19
N THR C 277 18.00 11.29 29.85
CA THR C 277 18.00 10.90 31.26
C THR C 277 17.32 11.94 32.14
N ARG C 278 17.42 13.23 31.77
CA ARG C 278 16.69 14.26 32.51
C ARG C 278 15.19 14.06 32.40
N MET C 279 14.70 13.74 31.20
CA MET C 279 13.27 13.48 31.03
C MET C 279 12.82 12.28 31.84
N VAL C 280 13.61 11.20 31.81
CA VAL C 280 13.27 10.02 32.60
C VAL C 280 13.21 10.35 34.09
N LEU C 281 14.23 11.07 34.58
CA LEU C 281 14.28 11.41 35.99
C LEU C 281 13.12 12.31 36.39
N VAL C 282 12.78 13.30 35.55
CA VAL C 282 11.71 14.22 35.91
C VAL C 282 10.36 13.49 35.90
N VAL C 283 10.16 12.56 34.97
CA VAL C 283 8.92 11.79 34.97
C VAL C 283 8.80 10.97 36.25
N VAL C 284 9.87 10.26 36.62
CA VAL C 284 9.83 9.43 37.83
C VAL C 284 9.61 10.30 39.05
N ALA C 285 10.30 11.44 39.13
CA ALA C 285 10.17 12.32 40.28
C ALA C 285 8.76 12.88 40.40
N VAL C 286 8.16 13.29 39.27
CA VAL C 286 6.80 13.79 39.30
C VAL C 286 5.84 12.72 39.81
N PHE C 287 5.98 11.50 39.29
CA PHE C 287 5.10 10.41 39.75
C PHE C 287 5.23 10.19 41.25
N ILE C 288 6.48 10.09 41.75
CA ILE C 288 6.70 9.81 43.16
C ILE C 288 6.14 10.93 44.03
N VAL C 289 6.50 12.18 43.70
CA VAL C 289 6.12 13.31 44.54
C VAL C 289 4.61 13.51 44.52
N CYS C 290 3.96 13.20 43.39
CA CYS C 290 2.52 13.44 43.30
C CYS C 290 1.67 12.27 43.78
N TRP C 291 2.25 11.09 44.01
CA TRP C 291 1.47 10.00 44.58
C TRP C 291 1.76 9.70 46.04
N THR C 292 2.97 9.98 46.54
CA THR C 292 3.29 9.61 47.93
C THR C 292 2.41 10.29 48.97
N PRO C 293 2.16 11.62 48.93
CA PRO C 293 1.47 12.26 50.05
C PRO C 293 0.07 11.73 50.32
N ILE C 294 -0.72 11.46 49.27
CA ILE C 294 -2.09 11.01 49.50
C ILE C 294 -2.10 9.63 50.15
N HIS C 295 -1.23 8.73 49.68
CA HIS C 295 -1.16 7.39 50.26
C HIS C 295 -0.70 7.44 51.70
N ILE C 296 0.33 8.23 52.00
CA ILE C 296 0.82 8.28 53.37
C ILE C 296 -0.22 8.92 54.29
N TYR C 297 -0.93 9.94 53.81
CA TYR C 297 -1.97 10.57 54.61
C TYR C 297 -3.11 9.60 54.89
N VAL C 298 -3.51 8.81 53.88
CA VAL C 298 -4.56 7.82 54.09
C VAL C 298 -4.11 6.78 55.10
N ILE C 299 -2.85 6.34 55.02
CA ILE C 299 -2.34 5.35 55.97
C ILE C 299 -2.36 5.91 57.39
N ILE C 300 -1.90 7.16 57.56
CA ILE C 300 -1.89 7.76 58.89
C ILE C 300 -3.32 7.92 59.43
N LYS C 301 -4.25 8.34 58.58
CA LYS C 301 -5.63 8.50 59.01
C LYS C 301 -6.24 7.17 59.43
N ALA C 302 -5.96 6.11 58.68
CA ALA C 302 -6.48 4.79 59.02
C ALA C 302 -5.75 4.13 60.17
N LEU C 303 -4.58 4.63 60.56
CA LEU C 303 -3.81 4.05 61.65
C LEU C 303 -3.95 4.82 62.95
N ILE C 304 -4.15 6.14 62.90
CA ILE C 304 -4.19 6.98 64.09
C ILE C 304 -5.59 7.59 64.20
N THR C 305 -5.99 7.88 65.43
CA THR C 305 -7.31 8.46 65.67
C THR C 305 -7.48 9.79 64.96
N ILE C 306 -6.44 10.61 64.94
CA ILE C 306 -6.35 11.91 64.25
C ILE C 306 -7.65 12.69 64.44
N PRO C 307 -7.87 13.28 65.63
CA PRO C 307 -9.13 13.99 65.87
C PRO C 307 -9.31 15.15 64.91
N GLU C 308 -10.58 15.43 64.60
CA GLU C 308 -10.91 16.43 63.59
C GLU C 308 -10.41 17.81 63.97
N THR C 309 -9.84 18.52 63.01
CA THR C 309 -9.35 19.87 63.18
C THR C 309 -9.39 20.56 61.82
N THR C 310 -9.44 21.89 61.85
CA THR C 310 -9.45 22.65 60.60
C THR C 310 -8.20 22.41 59.77
N PHE C 311 -7.10 21.99 60.39
CA PHE C 311 -5.89 21.67 59.63
C PHE C 311 -6.03 20.35 58.89
N GLN C 312 -6.74 19.39 59.49
CA GLN C 312 -6.88 18.06 58.88
C GLN C 312 -7.63 18.12 57.55
N THR C 313 -8.74 18.87 57.51
CA THR C 313 -9.51 18.98 56.27
C THR C 313 -8.70 19.65 55.18
N VAL C 314 -7.97 20.72 55.53
CA VAL C 314 -7.13 21.40 54.54
C VAL C 314 -6.05 20.48 54.03
N SER C 315 -5.41 19.72 54.92
CA SER C 315 -4.36 18.79 54.49
C SER C 315 -4.92 17.71 53.57
N TRP C 316 -6.09 17.15 53.90
CA TRP C 316 -6.69 16.12 53.06
C TRP C 316 -7.06 16.68 51.69
N HIS C 317 -7.64 17.88 51.66
CA HIS C 317 -8.00 18.49 50.38
C HIS C 317 -6.76 18.81 49.56
N PHE C 318 -5.68 19.25 50.20
CA PHE C 318 -4.43 19.51 49.49
C PHE C 318 -3.84 18.22 48.92
N CYS C 319 -3.94 17.12 49.67
CA CYS C 319 -3.47 15.84 49.16
C CYS C 319 -4.27 15.40 47.94
N ILE C 320 -5.60 15.55 48.00
CA ILE C 320 -6.44 15.22 46.83
C ILE C 320 -6.08 16.13 45.66
N ALA C 321 -5.82 17.41 45.96
CA ALA C 321 -5.42 18.36 44.90
C ALA C 321 -4.12 17.86 44.26
N LEU C 322 -3.21 17.30 45.07
CA LEU C 322 -1.90 16.81 44.55
C LEU C 322 -2.12 15.66 43.55
N GLY C 323 -3.05 14.75 43.83
CA GLY C 323 -3.34 13.65 42.88
C GLY C 323 -3.89 14.19 41.58
N TYR C 324 -4.80 15.17 41.65
CA TYR C 324 -5.33 15.82 40.43
C TYR C 324 -4.20 16.60 39.73
N THR C 325 -3.31 17.22 40.51
CA THR C 325 -2.15 17.95 39.94
C THR C 325 -1.27 16.94 39.19
N ASN C 326 -1.12 15.73 39.74
CA ASN C 326 -0.32 14.67 39.05
C ASN C 326 -0.98 14.39 37.70
N SER C 327 -2.31 14.33 37.68
CA SER C 327 -3.00 13.99 36.41
C SER C 327 -2.70 15.07 35.38
N CYS C 328 -2.77 16.35 35.75
CA CYS C 328 -2.50 17.47 34.80
C CYS C 328 -1.05 17.47 34.35
N LEU C 329 -0.10 17.20 35.27
CA LEU C 329 1.35 17.23 34.95
C LEU C 329 1.75 16.11 33.97
N ASN C 330 1.16 14.93 34.07
CA ASN C 330 1.62 13.78 33.26
C ASN C 330 1.54 14.00 31.73
N PRO C 331 0.45 14.52 31.11
CA PRO C 331 0.44 14.77 29.66
C PRO C 331 1.43 15.85 29.21
N VAL C 332 1.59 16.93 29.98
CA VAL C 332 2.47 18.05 29.53
C VAL C 332 3.91 17.55 29.41
N LEU C 333 4.22 16.36 29.92
CA LEU C 333 5.59 15.80 29.74
C LEU C 333 5.59 14.76 28.61
N TYR C 334 4.60 13.85 28.62
CA TYR C 334 4.57 12.76 27.60
C TYR C 334 4.24 13.26 26.19
N ALA C 335 3.25 14.15 26.05
CA ALA C 335 2.81 14.56 24.69
C ALA C 335 3.31 15.96 24.30
N PHE C 336 3.15 16.96 25.17
CA PHE C 336 3.52 18.34 24.76
C PHE C 336 5.02 18.40 24.44
N LEU C 337 5.80 17.47 24.98
CA LEU C 337 7.22 17.42 24.66
C LEU C 337 7.61 16.21 23.82
N ASP C 338 6.63 15.50 23.26
CA ASP C 338 6.92 14.40 22.36
C ASP C 338 7.63 14.91 21.11
N GLU C 339 8.66 14.17 20.69
CA GLU C 339 9.43 14.58 19.52
C GLU C 339 8.57 14.60 18.27
N ASN C 340 7.64 13.64 18.15
CA ASN C 340 6.71 13.65 17.02
C ASN C 340 5.83 14.89 17.03
N PHE C 341 5.36 15.30 18.21
CA PHE C 341 4.54 16.50 18.30
C PHE C 341 5.35 17.75 17.93
N LYS C 342 6.61 17.80 18.37
CA LYS C 342 7.46 18.93 18.02
C LYS C 342 7.71 18.98 16.52
N ARG C 343 7.94 17.82 15.89
CA ARG C 343 8.11 17.78 14.45
C ARG C 343 6.84 18.22 13.73
N CYS C 344 5.67 17.80 14.23
CA CYS C 344 4.41 18.24 13.65
C CYS C 344 4.21 19.74 13.83
N PHE C 345 4.56 20.27 15.00
CA PHE C 345 4.40 21.70 15.24
C PHE C 345 5.32 22.52 14.34
N ARG C 346 6.55 22.05 14.15
CA ARG C 346 7.51 22.75 13.31
C ARG C 346 7.25 22.45 11.83
N LEU D 5 -29.83 -3.53 -2.84
CA LEU D 5 -28.44 -3.20 -3.08
C LEU D 5 -27.53 -4.38 -2.73
N SER D 6 -26.40 -4.48 -3.45
CA SER D 6 -25.40 -5.53 -3.25
C SER D 6 -26.04 -6.92 -3.40
N ALA D 7 -26.50 -7.18 -4.61
CA ALA D 7 -27.12 -8.46 -4.94
C ALA D 7 -26.12 -9.60 -4.76
N GLU D 8 -25.04 -9.58 -5.53
CA GLU D 8 -23.96 -10.56 -5.40
C GLU D 8 -22.61 -9.90 -5.18
N ASP D 9 -22.57 -8.57 -4.99
CA ASP D 9 -21.33 -7.89 -4.72
C ASP D 9 -20.77 -8.21 -3.33
N LYS D 10 -21.57 -8.85 -2.48
CA LYS D 10 -21.08 -9.23 -1.16
C LYS D 10 -19.92 -10.21 -1.25
N ALA D 11 -20.00 -11.16 -2.19
CA ALA D 11 -18.88 -12.09 -2.38
C ALA D 11 -17.63 -11.36 -2.88
N ALA D 12 -17.80 -10.37 -3.75
CA ALA D 12 -16.67 -9.58 -4.20
C ALA D 12 -16.04 -8.81 -3.04
N VAL D 13 -16.87 -8.24 -2.16
CA VAL D 13 -16.36 -7.54 -1.00
C VAL D 13 -15.61 -8.49 -0.07
N GLU D 14 -16.15 -9.71 0.11
CA GLU D 14 -15.48 -10.70 0.93
C GLU D 14 -14.13 -11.09 0.33
N ARG D 15 -14.07 -11.26 -0.99
CA ARG D 15 -12.80 -11.57 -1.65
C ARG D 15 -11.80 -10.43 -1.47
N SER D 16 -12.27 -9.19 -1.58
CA SER D 16 -11.40 -8.04 -1.36
C SER D 16 -10.87 -8.02 0.07
N LYS D 17 -11.73 -8.31 1.05
CA LYS D 17 -11.29 -8.34 2.44
C LYS D 17 -10.27 -9.44 2.66
N MET D 18 -10.47 -10.61 2.06
CA MET D 18 -9.53 -11.72 2.23
C MET D 18 -8.17 -11.38 1.62
N ILE D 19 -8.17 -10.82 0.40
CA ILE D 19 -6.87 -10.48 -0.20
C ILE D 19 -6.22 -9.31 0.54
N ASP D 20 -7.02 -8.41 1.13
CA ASP D 20 -6.45 -7.35 1.96
C ASP D 20 -5.79 -7.92 3.21
N ARG D 21 -6.43 -8.93 3.83
CA ARG D 21 -5.80 -9.60 4.97
C ARG D 21 -4.50 -10.27 4.56
N ASN D 22 -4.48 -10.92 3.40
CA ASN D 22 -3.25 -11.52 2.90
C ASN D 22 -2.17 -10.46 2.68
N LEU D 23 -2.56 -9.31 2.12
CA LEU D 23 -1.60 -8.23 1.91
C LEU D 23 -1.06 -7.72 3.24
N ARG D 24 -1.92 -7.59 4.25
CA ARG D 24 -1.46 -7.15 5.57
C ARG D 24 -0.46 -8.13 6.15
N GLU D 25 -0.75 -9.43 6.06
CA GLU D 25 0.18 -10.43 6.59
C GLU D 25 1.51 -10.39 5.85
N ASP D 26 1.47 -10.29 4.52
CA ASP D 26 2.71 -10.24 3.74
C ASP D 26 3.50 -8.98 4.07
N GLY D 27 2.82 -7.85 4.25
CA GLY D 27 3.52 -6.62 4.60
C GLY D 27 4.16 -6.69 5.96
N GLU D 28 3.47 -7.28 6.95
CA GLU D 28 4.07 -7.45 8.27
C GLU D 28 5.30 -8.35 8.19
N LYS D 29 5.20 -9.45 7.45
CA LYS D 29 6.34 -10.36 7.31
C LYS D 29 7.52 -9.67 6.63
N ALA D 30 7.24 -8.84 5.61
CA ALA D 30 8.31 -8.14 4.92
C ALA D 30 8.93 -7.05 5.81
N ALA D 31 8.11 -6.39 6.63
CA ALA D 31 8.64 -5.36 7.51
C ALA D 31 9.40 -5.95 8.70
N ARG D 32 9.19 -7.23 9.01
CA ARG D 32 9.94 -7.85 10.09
C ARG D 32 11.44 -7.91 9.79
N GLU D 33 11.81 -8.01 8.52
CA GLU D 33 13.20 -8.21 8.13
C GLU D 33 13.94 -6.89 7.96
N VAL D 34 15.23 -6.98 7.64
CA VAL D 34 16.08 -5.81 7.43
C VAL D 34 16.82 -6.00 6.10
N LYS D 35 17.03 -4.90 5.39
CA LYS D 35 17.66 -4.92 4.08
C LYS D 35 19.02 -4.23 4.12
N LEU D 36 19.97 -4.80 3.39
CA LEU D 36 21.35 -4.28 3.35
C LEU D 36 21.78 -4.08 1.91
N LEU D 37 22.39 -2.93 1.63
CA LEU D 37 22.88 -2.59 0.30
C LEU D 37 24.40 -2.69 0.28
N LEU D 38 24.93 -3.42 -0.71
CA LEU D 38 26.37 -3.63 -0.87
C LEU D 38 26.85 -2.83 -2.07
N LEU D 39 27.67 -1.81 -1.81
CA LEU D 39 28.35 -1.05 -2.84
C LEU D 39 29.83 -1.35 -2.81
N GLY D 40 30.60 -0.68 -3.65
CA GLY D 40 32.04 -0.88 -3.67
C GLY D 40 32.60 -0.67 -5.06
N ALA D 41 33.92 -0.66 -5.13
CA ALA D 41 34.63 -0.52 -6.39
C ALA D 41 34.55 -1.80 -7.20
N GLY D 42 34.99 -1.72 -8.46
CA GLY D 42 34.92 -2.85 -9.36
C GLY D 42 35.80 -4.02 -8.96
N GLU D 43 35.18 -5.09 -8.49
CA GLU D 43 35.88 -6.33 -8.12
C GLU D 43 37.01 -6.06 -7.13
N SER D 44 36.68 -5.36 -6.06
CA SER D 44 37.69 -5.06 -5.04
C SER D 44 37.66 -6.08 -3.90
N GLY D 45 36.53 -6.20 -3.21
CA GLY D 45 36.39 -7.19 -2.16
C GLY D 45 34.99 -7.77 -2.06
N LYS D 46 34.10 -7.35 -2.96
CA LYS D 46 32.70 -7.74 -2.87
C LYS D 46 32.52 -9.24 -3.07
N SER D 47 33.40 -9.87 -3.83
CA SER D 47 33.26 -11.30 -4.10
C SER D 47 33.48 -12.13 -2.85
N THR D 48 34.53 -11.83 -2.08
CA THR D 48 34.85 -12.62 -0.90
C THR D 48 33.93 -12.33 0.29
N ILE D 49 33.31 -11.16 0.33
CA ILE D 49 32.39 -10.85 1.42
C ILE D 49 31.16 -11.76 1.34
N VAL D 50 30.59 -11.92 0.15
CA VAL D 50 29.42 -12.77 -0.01
C VAL D 50 29.76 -14.22 0.30
N LYS D 51 30.94 -14.68 -0.12
CA LYS D 51 31.34 -16.05 0.11
C LYS D 51 31.50 -16.36 1.60
N GLN D 52 31.90 -15.37 2.39
CA GLN D 52 32.08 -15.59 3.82
C GLN D 52 30.76 -15.93 4.50
N MET D 53 29.69 -15.22 4.15
CA MET D 53 28.38 -15.53 4.70
C MET D 53 27.82 -16.79 4.06
N LYS D 54 26.77 -17.33 4.68
CA LYS D 54 26.19 -18.59 4.21
C LYS D 54 25.64 -18.46 2.80
N ILE D 55 24.94 -17.36 2.52
CA ILE D 55 24.35 -17.11 1.20
C ILE D 55 23.42 -18.24 0.79
N THR D 182 21.69 -11.62 -14.14
CA THR D 182 20.84 -10.56 -14.72
C THR D 182 21.27 -9.19 -14.22
N GLY D 183 20.29 -8.38 -13.84
CA GLY D 183 20.57 -7.03 -13.35
C GLY D 183 21.23 -7.03 -11.99
N ILE D 184 20.49 -7.45 -10.96
CA ILE D 184 21.00 -7.52 -9.60
C ILE D 184 20.66 -8.90 -9.01
N VAL D 185 21.38 -9.25 -7.96
CA VAL D 185 21.19 -10.51 -7.26
C VAL D 185 20.95 -10.22 -5.79
N GLU D 186 20.00 -10.96 -5.20
CA GLU D 186 19.64 -10.82 -3.79
C GLU D 186 20.12 -12.05 -3.04
N THR D 187 20.77 -11.83 -1.90
CA THR D 187 21.32 -12.90 -1.08
C THR D 187 20.58 -12.96 0.24
N HIS D 188 20.13 -14.16 0.61
CA HIS D 188 19.38 -14.38 1.85
C HIS D 188 20.23 -15.19 2.81
N PHE D 189 20.34 -14.71 4.04
CA PHE D 189 21.02 -15.45 5.10
C PHE D 189 20.50 -14.98 6.44
N THR D 190 20.69 -15.82 7.45
CA THR D 190 20.22 -15.53 8.80
C THR D 190 21.34 -15.73 9.80
N PHE D 191 21.26 -15.00 10.91
CA PHE D 191 22.29 -15.07 11.95
C PHE D 191 21.68 -14.62 13.27
N LYS D 192 21.58 -15.53 14.23
CA LYS D 192 21.08 -15.24 15.57
C LYS D 192 19.67 -14.66 15.52
N ASP D 193 18.75 -15.43 14.95
CA ASP D 193 17.32 -15.11 14.91
C ASP D 193 17.07 -13.75 14.24
N LEU D 194 17.85 -13.45 13.21
CA LEU D 194 17.68 -12.22 12.45
C LEU D 194 17.83 -12.53 10.96
N HIS D 195 16.93 -11.97 10.15
CA HIS D 195 16.89 -12.24 8.72
C HIS D 195 17.51 -11.07 7.97
N PHE D 196 18.50 -11.35 7.13
CA PHE D 196 19.22 -10.35 6.36
C PHE D 196 18.96 -10.54 4.88
N LYS D 197 18.86 -9.42 4.16
CA LYS D 197 18.78 -9.42 2.71
C LYS D 197 19.84 -8.47 2.16
N MET D 198 20.65 -8.97 1.23
CA MET D 198 21.78 -8.22 0.70
C MET D 198 21.58 -8.04 -0.80
N PHE D 199 21.63 -6.79 -1.26
CA PHE D 199 21.40 -6.44 -2.66
C PHE D 199 22.74 -6.06 -3.29
N ASP D 200 23.22 -6.90 -4.20
CA ASP D 200 24.43 -6.60 -4.97
C ASP D 200 23.98 -5.93 -6.27
N VAL D 201 24.15 -4.61 -6.35
CA VAL D 201 23.66 -3.82 -7.47
C VAL D 201 24.80 -3.40 -8.39
N GLY D 202 25.99 -3.98 -8.23
CA GLY D 202 27.12 -3.61 -9.04
C GLY D 202 27.13 -4.15 -10.45
N GLY D 203 26.16 -4.98 -10.83
CA GLY D 203 26.12 -5.55 -12.16
C GLY D 203 25.27 -4.75 -13.12
N GLN D 204 24.99 -3.49 -12.79
CA GLN D 204 24.16 -2.63 -13.62
C GLN D 204 24.98 -1.43 -14.08
N ARG D 205 24.97 -1.18 -15.39
CA ARG D 205 25.69 -0.07 -15.99
C ARG D 205 24.68 0.93 -16.56
N SER D 206 24.43 1.99 -15.82
CA SER D 206 23.50 3.04 -16.21
C SER D 206 23.71 4.23 -15.29
N GLU D 207 22.93 5.28 -15.50
CA GLU D 207 22.99 6.46 -14.64
C GLU D 207 22.49 6.11 -13.25
N ARG D 208 23.39 6.18 -12.27
CA ARG D 208 23.02 5.79 -10.90
C ARG D 208 21.98 6.73 -10.31
N LYS D 209 22.00 8.00 -10.67
CA LYS D 209 21.07 8.98 -10.11
C LYS D 209 19.63 8.74 -10.55
N LYS D 210 19.39 7.89 -11.55
CA LYS D 210 18.04 7.64 -12.03
C LYS D 210 17.35 6.48 -11.33
N TRP D 211 18.08 5.70 -10.52
CA TRP D 211 17.47 4.60 -9.80
C TRP D 211 18.00 4.44 -8.38
N ILE D 212 18.81 5.38 -7.88
CA ILE D 212 19.33 5.26 -6.53
C ILE D 212 18.29 5.64 -5.48
N HIS D 213 17.23 6.34 -5.87
CA HIS D 213 16.19 6.70 -4.91
C HIS D 213 15.29 5.51 -4.55
N CYS D 214 15.38 4.41 -5.29
CA CYS D 214 14.59 3.23 -4.97
C CYS D 214 15.09 2.53 -3.71
N PHE D 215 16.32 2.82 -3.28
CA PHE D 215 16.92 2.18 -2.12
C PHE D 215 16.79 3.01 -0.85
N GLU D 216 15.95 4.04 -0.87
CA GLU D 216 15.72 4.83 0.33
C GLU D 216 15.09 3.97 1.42
N GLY D 217 15.47 4.24 2.67
CA GLY D 217 14.98 3.46 3.78
C GLY D 217 15.74 2.19 4.07
N VAL D 218 16.87 1.95 3.38
CA VAL D 218 17.68 0.78 3.65
C VAL D 218 18.29 0.90 5.04
N THR D 219 18.47 -0.25 5.70
CA THR D 219 18.97 -0.25 7.08
C THR D 219 20.41 0.25 7.14
N ALA D 220 21.28 -0.28 6.28
CA ALA D 220 22.68 0.12 6.30
C ALA D 220 23.28 -0.14 4.93
N ILE D 221 24.43 0.50 4.68
CA ILE D 221 25.17 0.37 3.43
C ILE D 221 26.53 -0.25 3.72
N ILE D 222 26.86 -1.30 2.98
CA ILE D 222 28.16 -1.96 3.11
C ILE D 222 29.04 -1.49 1.97
N PHE D 223 30.22 -0.99 2.30
CA PHE D 223 31.17 -0.48 1.31
C PHE D 223 32.46 -1.26 1.40
N CYS D 224 32.91 -1.80 0.26
CA CYS D 224 34.13 -2.59 0.20
C CYS D 224 35.21 -1.83 -0.54
N VAL D 225 36.40 -1.76 0.06
CA VAL D 225 37.54 -1.05 -0.52
C VAL D 225 38.74 -2.00 -0.50
N ALA D 226 39.41 -2.11 -1.64
CA ALA D 226 40.61 -2.91 -1.73
C ALA D 226 41.79 -2.15 -1.13
N LEU D 227 42.30 -2.65 0.00
CA LEU D 227 43.37 -1.96 0.70
C LEU D 227 44.74 -2.19 0.08
N SER D 228 44.89 -3.23 -0.76
CA SER D 228 46.15 -3.53 -1.40
C SER D 228 46.28 -2.94 -2.80
N ASP D 229 45.30 -2.14 -3.22
CA ASP D 229 45.31 -1.52 -4.54
C ASP D 229 45.67 -0.04 -4.46
N TYR D 230 46.49 0.34 -3.48
CA TYR D 230 46.87 1.74 -3.30
C TYR D 230 47.90 2.21 -4.31
N ASP D 231 48.56 1.30 -5.02
CA ASP D 231 49.55 1.67 -6.03
C ASP D 231 49.19 1.26 -7.45
N LEU D 232 48.33 0.27 -7.63
CA LEU D 232 47.93 -0.13 -8.97
C LEU D 232 47.00 0.91 -9.59
N VAL D 233 46.97 0.92 -10.91
CA VAL D 233 46.13 1.85 -11.65
C VAL D 233 45.70 1.25 -12.98
N ASN D 241 45.84 5.43 -8.30
CA ASN D 241 44.70 6.10 -8.89
C ASN D 241 43.40 5.40 -8.50
N ARG D 242 43.49 4.09 -8.23
CA ARG D 242 42.30 3.35 -7.82
C ARG D 242 41.79 3.83 -6.47
N MET D 243 42.69 4.12 -5.54
CA MET D 243 42.28 4.61 -4.22
C MET D 243 41.58 5.96 -4.33
N HIS D 244 42.08 6.85 -5.20
CA HIS D 244 41.47 8.16 -5.34
C HIS D 244 40.05 8.06 -5.90
N GLU D 245 39.85 7.21 -6.92
CA GLU D 245 38.50 7.05 -7.45
C GLU D 245 37.59 6.34 -6.46
N SER D 246 38.13 5.43 -5.65
CA SER D 246 37.34 4.81 -4.60
C SER D 246 36.89 5.85 -3.57
N MET D 247 37.79 6.76 -3.19
CA MET D 247 37.41 7.83 -2.27
C MET D 247 36.39 8.76 -2.90
N LYS D 248 36.52 9.03 -4.20
CA LYS D 248 35.52 9.86 -4.87
C LYS D 248 34.15 9.20 -4.86
N LEU D 249 34.11 7.88 -5.14
CA LEU D 249 32.84 7.16 -5.08
C LEU D 249 32.27 7.17 -3.68
N PHE D 250 33.11 6.99 -2.66
CA PHE D 250 32.64 7.03 -1.28
C PHE D 250 32.09 8.40 -0.92
N ASP D 251 32.75 9.47 -1.38
CA ASP D 251 32.25 10.82 -1.12
C ASP D 251 30.90 11.03 -1.80
N SER D 252 30.76 10.57 -3.04
CA SER D 252 29.50 10.71 -3.75
C SER D 252 28.37 9.95 -3.06
N ILE D 253 28.64 8.73 -2.62
CA ILE D 253 27.61 7.90 -2.01
C ILE D 253 27.22 8.43 -0.64
N CYS D 254 28.22 8.77 0.18
CA CYS D 254 27.95 9.18 1.56
C CYS D 254 27.15 10.47 1.63
N ASN D 255 27.50 11.45 0.79
CA ASN D 255 26.84 12.76 0.81
C ASN D 255 25.70 12.85 -0.19
N ASN D 256 25.03 11.74 -0.47
CA ASN D 256 23.90 11.75 -1.39
C ASN D 256 22.68 12.36 -0.72
N LYS D 257 21.76 12.87 -1.55
CA LYS D 257 20.56 13.53 -1.04
C LYS D 257 19.62 12.56 -0.34
N TRP D 258 19.68 11.26 -0.67
CA TRP D 258 18.78 10.28 -0.09
C TRP D 258 19.39 9.56 1.11
N PHE D 259 20.71 9.44 1.16
CA PHE D 259 21.40 8.70 2.21
C PHE D 259 21.97 9.63 3.29
N THR D 260 21.27 10.73 3.59
CA THR D 260 21.73 11.66 4.61
C THR D 260 21.57 11.13 6.03
N ASP D 261 20.89 10.00 6.20
CA ASP D 261 20.63 9.45 7.53
C ASP D 261 21.16 8.03 7.73
N THR D 262 21.21 7.22 6.68
CA THR D 262 21.63 5.83 6.82
C THR D 262 23.10 5.74 7.20
N SER D 263 23.41 4.80 8.09
CA SER D 263 24.79 4.57 8.49
C SER D 263 25.53 3.76 7.41
N ILE D 264 26.85 3.78 7.49
CA ILE D 264 27.71 3.13 6.51
C ILE D 264 28.65 2.17 7.24
N ILE D 265 28.71 0.94 6.77
CA ILE D 265 29.66 -0.06 7.26
C ILE D 265 30.76 -0.18 6.22
N LEU D 266 32.00 0.07 6.65
CA LEU D 266 33.14 0.11 5.74
C LEU D 266 34.04 -1.08 6.00
N PHE D 267 34.36 -1.82 4.94
CA PHE D 267 35.23 -2.99 5.02
C PHE D 267 36.48 -2.76 4.18
N LEU D 268 37.65 -3.07 4.74
CA LEU D 268 38.92 -2.95 4.05
C LEU D 268 39.48 -4.34 3.84
N ASN D 269 39.26 -4.90 2.64
CA ASN D 269 39.66 -6.26 2.34
C ASN D 269 41.14 -6.32 1.95
N LYS D 270 41.62 -7.53 1.68
CA LYS D 270 43.00 -7.77 1.25
C LYS D 270 44.00 -7.19 2.24
N LYS D 271 43.73 -7.37 3.53
CA LYS D 271 44.66 -6.90 4.55
C LYS D 271 45.97 -7.68 4.49
N ASP D 272 45.89 -9.00 4.29
CA ASP D 272 47.09 -9.82 4.23
C ASP D 272 47.99 -9.41 3.06
N LEU D 273 47.39 -9.17 1.89
CA LEU D 273 48.16 -8.76 0.72
C LEU D 273 48.76 -7.36 0.89
N PHE D 274 48.18 -6.53 1.76
CA PHE D 274 48.73 -5.20 2.01
C PHE D 274 50.03 -5.25 2.81
N GLU D 275 50.23 -6.30 3.61
CA GLU D 275 51.44 -6.39 4.43
C GLU D 275 52.69 -6.52 3.59
N GLU D 276 52.63 -7.30 2.51
CA GLU D 276 53.80 -7.53 1.66
C GLU D 276 54.03 -6.43 0.64
N LYS D 277 53.06 -5.54 0.42
CA LYS D 277 53.16 -4.52 -0.61
C LYS D 277 53.52 -3.15 -0.04
N ILE D 278 53.74 -3.03 1.26
CA ILE D 278 54.07 -1.75 1.88
C ILE D 278 55.56 -1.63 2.17
N LYS D 279 56.20 -2.72 2.60
CA LYS D 279 57.63 -2.67 2.89
C LYS D 279 58.45 -2.43 1.64
N LYS D 280 57.96 -2.83 0.46
CA LYS D 280 58.65 -2.61 -0.79
C LYS D 280 58.18 -1.32 -1.48
N SER D 281 56.87 -1.13 -1.55
CA SER D 281 56.30 0.07 -2.15
C SER D 281 55.76 0.99 -1.06
N PRO D 282 56.38 2.14 -0.83
CA PRO D 282 55.89 3.04 0.23
C PRO D 282 54.51 3.58 -0.09
N LEU D 283 53.75 3.87 0.97
CA LEU D 283 52.40 4.40 0.84
C LEU D 283 52.38 5.82 0.31
N THR D 284 53.54 6.50 0.27
CA THR D 284 53.60 7.88 -0.21
C THR D 284 53.32 8.01 -1.70
N ILE D 285 53.26 6.90 -2.43
CA ILE D 285 53.00 6.96 -3.87
C ILE D 285 51.64 7.58 -4.14
N CYS D 286 50.62 7.13 -3.42
CA CYS D 286 49.26 7.65 -3.59
C CYS D 286 48.90 8.75 -2.60
N TYR D 287 49.75 8.99 -1.59
CA TYR D 287 49.52 10.04 -0.60
C TYR D 287 50.78 10.89 -0.50
N PRO D 288 50.94 11.87 -1.39
CA PRO D 288 52.13 12.73 -1.33
C PRO D 288 52.25 13.50 -0.02
N GLU D 289 51.13 13.89 0.59
CA GLU D 289 51.17 14.63 1.84
C GLU D 289 51.51 13.76 3.04
N TYR D 290 51.54 12.44 2.88
CA TYR D 290 51.84 11.56 4.00
C TYR D 290 53.31 11.66 4.37
N ALA D 291 53.58 11.73 5.68
CA ALA D 291 54.95 11.81 6.20
C ALA D 291 55.00 10.96 7.47
N GLY D 292 55.51 9.74 7.33
CA GLY D 292 55.61 8.84 8.46
C GLY D 292 56.32 7.58 8.06
N SER D 293 56.58 6.74 9.07
CA SER D 293 57.26 5.47 8.84
C SER D 293 56.37 4.52 8.05
N ASN D 294 57.00 3.68 7.23
CA ASN D 294 56.29 2.71 6.39
C ASN D 294 55.98 1.44 7.17
N THR D 295 55.17 1.60 8.21
CA THR D 295 54.72 0.50 9.04
C THR D 295 53.22 0.31 8.84
N TYR D 296 52.79 -0.96 8.83
CA TYR D 296 51.39 -1.27 8.56
C TYR D 296 50.48 -0.72 9.65
N GLU D 297 50.93 -0.75 10.90
CA GLU D 297 50.06 -0.42 12.03
C GLU D 297 49.54 1.02 11.94
N GLU D 298 50.38 1.97 11.56
CA GLU D 298 49.95 3.35 11.44
C GLU D 298 49.48 3.72 10.05
N ALA D 299 49.98 3.04 9.01
CA ALA D 299 49.49 3.29 7.66
C ALA D 299 48.03 2.90 7.53
N ALA D 300 47.64 1.75 8.13
CA ALA D 300 46.25 1.35 8.11
C ALA D 300 45.37 2.36 8.83
N ALA D 301 45.83 2.88 9.96
CA ALA D 301 45.06 3.90 10.69
C ALA D 301 44.94 5.17 9.88
N TYR D 302 46.02 5.57 9.19
CA TYR D 302 45.95 6.77 8.35
C TYR D 302 44.96 6.61 7.22
N ILE D 303 44.97 5.44 6.57
CA ILE D 303 44.01 5.18 5.50
C ILE D 303 42.58 5.17 6.03
N GLN D 304 42.38 4.56 7.20
CA GLN D 304 41.06 4.53 7.81
C GLN D 304 40.57 5.94 8.11
N CYS D 305 41.44 6.80 8.66
CA CYS D 305 41.04 8.17 8.94
C CYS D 305 40.75 8.95 7.67
N GLN D 306 41.56 8.74 6.63
CA GLN D 306 41.34 9.42 5.36
C GLN D 306 40.00 9.02 4.75
N PHE D 307 39.62 7.75 4.88
CA PHE D 307 38.31 7.33 4.38
C PHE D 307 37.18 7.84 5.28
N GLU D 308 37.42 7.89 6.59
CA GLU D 308 36.36 8.21 7.53
C GLU D 308 36.03 9.70 7.58
N ASP D 309 37.01 10.57 7.37
CA ASP D 309 36.76 12.00 7.51
C ASP D 309 36.16 12.64 6.26
N LEU D 310 35.54 11.85 5.39
CA LEU D 310 34.96 12.36 4.15
C LEU D 310 33.50 12.74 4.27
N ASN D 311 32.88 12.55 5.42
CA ASN D 311 31.45 12.85 5.61
C ASN D 311 31.30 14.23 6.23
N LYS D 312 30.43 15.04 5.66
CA LYS D 312 30.18 16.39 6.14
C LYS D 312 29.13 16.44 7.23
N ARG D 313 28.55 15.30 7.63
CA ARG D 313 27.51 15.23 8.66
C ARG D 313 27.95 14.23 9.72
N LYS D 314 28.70 14.69 10.70
CA LYS D 314 29.20 13.84 11.77
C LYS D 314 28.26 13.79 12.97
N ASP D 315 27.20 14.58 12.98
CA ASP D 315 26.25 14.61 14.09
C ASP D 315 24.97 13.84 13.81
N THR D 316 24.86 13.20 12.64
CA THR D 316 23.65 12.50 12.26
C THR D 316 23.90 11.05 11.85
N LYS D 317 25.02 10.77 11.20
CA LYS D 317 25.34 9.43 10.73
C LYS D 317 26.68 8.97 11.28
N GLU D 318 26.83 7.66 11.41
CA GLU D 318 28.05 7.04 11.92
C GLU D 318 28.66 6.13 10.86
N ILE D 319 29.96 5.91 10.98
CA ILE D 319 30.71 5.08 10.04
C ILE D 319 31.45 4.03 10.86
N TYR D 320 31.19 2.75 10.58
CA TYR D 320 31.86 1.64 11.25
C TYR D 320 32.93 1.09 10.33
N THR D 321 34.18 1.09 10.82
CA THR D 321 35.32 0.66 10.04
C THR D 321 35.84 -0.67 10.59
N HIS D 322 36.19 -1.58 9.68
CA HIS D 322 36.72 -2.88 10.06
C HIS D 322 37.76 -3.31 9.05
N PHE D 323 38.69 -4.16 9.48
CA PHE D 323 39.75 -4.71 8.64
C PHE D 323 39.47 -6.19 8.42
N THR D 324 39.36 -6.60 7.16
CA THR D 324 38.96 -7.95 6.80
C THR D 324 40.01 -8.60 5.91
N CYS D 325 40.25 -9.88 6.15
CA CYS D 325 41.10 -10.71 5.30
C CYS D 325 40.26 -11.86 4.75
N ALA D 326 40.91 -12.73 3.96
CA ALA D 326 40.21 -13.88 3.42
C ALA D 326 39.75 -14.82 4.52
N THR D 327 40.60 -15.05 5.52
CA THR D 327 40.27 -15.88 6.66
C THR D 327 39.65 -15.03 7.76
N ASP D 328 39.51 -15.60 8.96
CA ASP D 328 38.98 -14.91 10.13
C ASP D 328 37.55 -14.41 9.87
N THR D 329 36.66 -15.39 9.65
CA THR D 329 35.26 -15.10 9.34
C THR D 329 34.56 -14.64 10.62
N LYS D 330 34.78 -13.37 10.97
CA LYS D 330 34.12 -12.74 12.10
C LYS D 330 33.41 -11.44 11.72
N ASN D 331 33.25 -11.19 10.42
CA ASN D 331 32.61 -9.95 9.97
C ASN D 331 31.11 -9.97 10.18
N VAL D 332 30.50 -11.16 10.21
CA VAL D 332 29.07 -11.25 10.42
C VAL D 332 28.68 -10.72 11.80
N GLN D 333 29.53 -10.94 12.81
CA GLN D 333 29.27 -10.37 14.13
C GLN D 333 29.34 -8.84 14.10
N PHE D 334 30.30 -8.28 13.34
CA PHE D 334 30.38 -6.83 13.21
C PHE D 334 29.15 -6.27 12.53
N VAL D 335 28.68 -6.93 11.47
CA VAL D 335 27.46 -6.49 10.78
C VAL D 335 26.27 -6.58 11.73
N PHE D 336 26.19 -7.64 12.53
CA PHE D 336 25.11 -7.79 13.48
C PHE D 336 25.12 -6.68 14.51
N ASP D 337 26.31 -6.33 15.03
CA ASP D 337 26.40 -5.25 16.00
C ASP D 337 25.97 -3.92 15.39
N ALA D 338 26.43 -3.64 14.16
CA ALA D 338 26.04 -2.39 13.51
C ALA D 338 24.54 -2.32 13.28
N VAL D 339 23.94 -3.44 12.82
CA VAL D 339 22.51 -3.47 12.58
C VAL D 339 21.74 -3.33 13.89
N THR D 340 22.25 -3.93 14.97
CA THR D 340 21.61 -3.80 16.27
C THR D 340 21.63 -2.35 16.74
N ASP D 341 22.76 -1.65 16.56
CA ASP D 341 22.82 -0.25 16.93
C ASP D 341 21.86 0.59 16.09
N VAL D 342 21.78 0.30 14.79
CA VAL D 342 20.87 1.04 13.92
C VAL D 342 19.41 0.81 14.34
N ILE D 343 19.07 -0.44 14.66
CA ILE D 343 17.71 -0.76 15.08
C ILE D 343 17.38 -0.07 16.40
N ILE D 344 18.33 -0.04 17.33
CA ILE D 344 18.11 0.65 18.59
C ILE D 344 17.86 2.13 18.36
N LYS D 345 18.67 2.74 17.49
CA LYS D 345 18.46 4.17 17.18
C LYS D 345 17.11 4.41 16.53
N ASN D 346 16.70 3.53 15.61
CA ASN D 346 15.41 3.69 14.95
C ASN D 346 14.27 3.54 15.94
N ASN D 347 14.37 2.57 16.85
CA ASN D 347 13.33 2.38 17.85
C ASN D 347 13.24 3.59 18.78
N LEU D 348 14.39 4.15 19.17
CA LEU D 348 14.37 5.35 19.99
C LEU D 348 13.74 6.52 19.25
N LYS D 349 14.06 6.67 17.96
CA LYS D 349 13.46 7.75 17.17
C LYS D 349 11.95 7.59 17.05
N ASP D 350 11.48 6.36 16.83
CA ASP D 350 10.07 6.11 16.67
C ASP D 350 9.31 6.08 17.99
N CYS D 351 10.01 5.97 19.11
CA CYS D 351 9.37 5.91 20.42
C CYS D 351 9.22 7.28 21.08
N GLY D 352 9.61 8.35 20.39
CA GLY D 352 9.45 9.69 20.91
C GLY D 352 10.63 10.23 21.69
N LEU D 353 11.66 9.42 21.95
CA LEU D 353 12.82 9.87 22.71
C LEU D 353 14.02 10.20 21.82
N PHE D 354 14.41 9.26 20.95
CA PHE D 354 15.57 9.41 20.07
C PHE D 354 16.87 9.60 20.87
N VAL E 2 -9.33 -29.04 -15.19
CA VAL E 2 -10.24 -29.16 -14.06
C VAL E 2 -10.84 -30.56 -14.01
N GLN E 3 -11.20 -31.02 -12.81
CA GLN E 3 -11.74 -32.36 -12.64
C GLN E 3 -12.45 -32.42 -11.30
N LEU E 4 -13.72 -32.79 -11.32
CA LEU E 4 -14.52 -32.97 -10.12
C LEU E 4 -15.11 -34.36 -10.10
N VAL E 5 -14.98 -35.06 -8.98
CA VAL E 5 -15.48 -36.43 -8.82
C VAL E 5 -16.27 -36.50 -7.53
N GLU E 6 -17.46 -37.09 -7.60
CA GLU E 6 -18.33 -37.25 -6.45
C GLU E 6 -18.39 -38.72 -6.05
N SER E 7 -18.34 -38.97 -4.74
CA SER E 7 -18.40 -40.32 -4.22
C SER E 7 -19.14 -40.31 -2.89
N GLY E 8 -19.75 -41.46 -2.56
CA GLY E 8 -20.49 -41.59 -1.32
C GLY E 8 -21.94 -41.97 -1.53
N GLY E 9 -22.28 -42.41 -2.74
CA GLY E 9 -23.64 -42.80 -3.05
C GLY E 9 -23.96 -44.20 -2.58
N GLY E 10 -25.21 -44.59 -2.82
CA GLY E 10 -25.70 -45.90 -2.46
C GLY E 10 -27.14 -45.82 -2.02
N LEU E 11 -27.59 -46.86 -1.31
CA LEU E 11 -28.95 -46.95 -0.79
C LEU E 11 -28.90 -46.77 0.72
N VAL E 12 -29.72 -45.85 1.22
CA VAL E 12 -29.78 -45.51 2.64
C VAL E 12 -31.20 -45.69 3.12
N GLN E 13 -31.36 -46.37 4.26
CA GLN E 13 -32.67 -46.51 4.87
C GLN E 13 -33.17 -45.15 5.37
N PRO E 14 -34.48 -44.92 5.36
CA PRO E 14 -35.00 -43.64 5.83
C PRO E 14 -34.66 -43.40 7.30
N GLY E 15 -34.38 -42.15 7.64
CA GLY E 15 -33.98 -41.78 8.97
C GLY E 15 -32.53 -41.98 9.30
N GLY E 16 -31.72 -42.45 8.34
CA GLY E 16 -30.31 -42.69 8.55
C GLY E 16 -29.48 -41.45 8.25
N SER E 17 -28.21 -41.71 7.92
CA SER E 17 -27.28 -40.64 7.60
C SER E 17 -26.31 -41.12 6.54
N ARG E 18 -25.73 -40.16 5.81
CA ARG E 18 -24.79 -40.46 4.74
C ARG E 18 -23.90 -39.23 4.53
N LYS E 19 -22.71 -39.48 4.01
CA LYS E 19 -21.73 -38.43 3.75
C LYS E 19 -21.33 -38.46 2.28
N LEU E 20 -21.35 -37.29 1.64
CA LEU E 20 -20.96 -37.15 0.24
C LEU E 20 -19.68 -36.34 0.16
N SER E 21 -18.71 -36.84 -0.61
CA SER E 21 -17.41 -36.21 -0.74
C SER E 21 -17.20 -35.76 -2.17
N CYS E 22 -16.84 -34.49 -2.35
CA CYS E 22 -16.56 -33.91 -3.65
C CYS E 22 -15.05 -33.70 -3.77
N SER E 23 -14.42 -34.38 -4.72
CA SER E 23 -12.99 -34.33 -4.91
C SER E 23 -12.66 -33.37 -6.06
N ALA E 24 -11.90 -32.33 -5.75
CA ALA E 24 -11.53 -31.31 -6.73
C ALA E 24 -10.05 -31.43 -7.07
N SER E 25 -9.74 -31.37 -8.36
CA SER E 25 -8.36 -31.46 -8.82
C SER E 25 -8.20 -30.63 -10.08
N GLY E 26 -6.96 -30.21 -10.33
CA GLY E 26 -6.64 -29.46 -11.54
C GLY E 26 -6.90 -27.98 -11.47
N PHE E 27 -7.30 -27.44 -10.31
CA PHE E 27 -7.54 -26.01 -10.18
C PHE E 27 -7.38 -25.61 -8.73
N ALA E 28 -7.24 -24.30 -8.51
CA ALA E 28 -7.07 -23.76 -7.17
C ALA E 28 -8.37 -23.82 -6.39
N PHE E 29 -8.54 -24.86 -5.59
CA PHE E 29 -9.81 -25.06 -4.87
C PHE E 29 -10.08 -23.93 -3.88
N SER E 30 -9.03 -23.44 -3.21
CA SER E 30 -9.21 -22.48 -2.12
C SER E 30 -9.72 -21.13 -2.59
N SER E 31 -9.70 -20.84 -3.90
CA SER E 31 -10.14 -19.57 -4.41
C SER E 31 -11.54 -19.60 -5.00
N PHE E 32 -12.20 -20.76 -5.01
CA PHE E 32 -13.51 -20.92 -5.62
C PHE E 32 -14.57 -21.21 -4.58
N GLY E 33 -15.73 -20.56 -4.73
CA GLY E 33 -16.89 -20.97 -3.97
C GLY E 33 -17.48 -22.26 -4.51
N MET E 34 -18.27 -22.93 -3.67
CA MET E 34 -18.82 -24.23 -4.02
C MET E 34 -20.31 -24.28 -3.73
N HIS E 35 -21.03 -25.01 -4.58
CA HIS E 35 -22.46 -25.21 -4.44
C HIS E 35 -22.77 -26.69 -4.55
N TRP E 36 -23.91 -27.09 -3.99
CA TRP E 36 -24.48 -28.41 -4.18
C TRP E 36 -25.83 -28.28 -4.86
N VAL E 37 -25.99 -28.97 -5.98
CA VAL E 37 -27.22 -28.94 -6.76
C VAL E 37 -27.67 -30.37 -6.99
N ARG E 38 -28.93 -30.66 -6.67
CA ARG E 38 -29.49 -31.99 -6.82
C ARG E 38 -30.58 -31.98 -7.89
N GLN E 39 -30.74 -33.11 -8.56
CA GLN E 39 -31.72 -33.27 -9.63
C GLN E 39 -32.57 -34.48 -9.34
N ALA E 40 -33.89 -34.30 -9.31
CA ALA E 40 -34.83 -35.37 -9.05
C ALA E 40 -34.78 -36.39 -10.17
N PRO E 41 -35.26 -37.62 -9.95
CA PRO E 41 -35.12 -38.65 -10.99
C PRO E 41 -35.73 -38.26 -12.34
N GLU E 42 -36.85 -37.53 -12.33
CA GLU E 42 -37.46 -37.12 -13.59
C GLU E 42 -37.94 -35.67 -13.55
N LYS E 43 -37.36 -34.85 -12.68
CA LYS E 43 -37.71 -33.44 -12.56
C LYS E 43 -36.47 -32.58 -12.77
N GLY E 44 -36.62 -31.28 -12.53
CA GLY E 44 -35.57 -30.32 -12.78
C GLY E 44 -34.57 -30.23 -11.63
N LEU E 45 -33.68 -29.25 -11.75
CA LEU E 45 -32.62 -29.03 -10.78
C LEU E 45 -33.11 -28.20 -9.60
N GLU E 46 -32.45 -28.38 -8.46
CA GLU E 46 -32.76 -27.65 -7.25
C GLU E 46 -31.48 -27.26 -6.54
N TRP E 47 -31.55 -26.20 -5.74
CA TRP E 47 -30.39 -25.69 -5.01
C TRP E 47 -30.43 -26.19 -3.58
N VAL E 48 -29.25 -26.52 -3.04
CA VAL E 48 -29.16 -27.13 -1.72
C VAL E 48 -28.39 -26.25 -0.75
N ALA E 49 -27.12 -25.98 -1.05
CA ALA E 49 -26.27 -25.26 -0.11
C ALA E 49 -25.13 -24.59 -0.87
N TYR E 50 -24.44 -23.68 -0.18
CA TYR E 50 -23.38 -22.89 -0.77
C TYR E 50 -22.35 -22.54 0.29
N ILE E 51 -21.08 -22.54 -0.09
CA ILE E 51 -19.98 -22.14 0.77
C ILE E 51 -19.19 -21.04 0.07
N SER E 52 -18.93 -19.95 0.79
CA SER E 52 -18.11 -18.88 0.25
C SER E 52 -16.64 -19.30 0.25
N SER E 53 -15.77 -18.36 -0.16
CA SER E 53 -14.34 -18.62 -0.14
C SER E 53 -13.80 -18.40 1.26
N GLY E 54 -13.10 -19.40 1.80
CA GLY E 54 -12.63 -19.35 3.15
C GLY E 54 -13.65 -19.75 4.20
N SER E 55 -14.78 -20.31 3.79
CA SER E 55 -15.84 -20.77 4.70
C SER E 55 -16.40 -19.61 5.53
N GLY E 56 -16.34 -18.39 5.01
CA GLY E 56 -16.83 -17.24 5.71
C GLY E 56 -18.31 -16.96 5.58
N THR E 57 -19.03 -17.73 4.77
CA THR E 57 -20.47 -17.51 4.58
C THR E 57 -21.09 -18.80 4.06
N ILE E 58 -22.16 -19.25 4.73
CA ILE E 58 -22.84 -20.48 4.37
C ILE E 58 -24.33 -20.19 4.27
N TYR E 59 -24.96 -20.72 3.20
CA TYR E 59 -26.40 -20.60 3.01
C TYR E 59 -27.00 -21.98 2.80
N TYR E 60 -28.26 -22.13 3.18
CA TYR E 60 -28.97 -23.39 3.07
C TYR E 60 -30.34 -23.17 2.45
N ALA E 61 -30.83 -24.18 1.75
CA ALA E 61 -32.18 -24.13 1.20
C ALA E 61 -33.21 -24.28 2.32
N ASP E 62 -34.44 -23.82 2.04
CA ASP E 62 -35.50 -23.88 3.04
C ASP E 62 -35.87 -25.32 3.36
N THR E 63 -35.89 -26.19 2.37
CA THR E 63 -36.35 -27.56 2.56
C THR E 63 -35.30 -28.47 3.19
N VAL E 64 -34.04 -28.04 3.25
CA VAL E 64 -32.97 -28.86 3.81
C VAL E 64 -32.30 -28.20 5.00
N LYS E 65 -32.78 -27.04 5.45
CA LYS E 65 -32.17 -26.37 6.58
C LYS E 65 -32.43 -27.15 7.86
N GLY E 66 -31.38 -27.35 8.67
CA GLY E 66 -31.47 -28.08 9.90
C GLY E 66 -31.20 -29.56 9.80
N ARG E 67 -31.16 -30.11 8.58
CA ARG E 67 -30.88 -31.53 8.37
C ARG E 67 -29.57 -31.80 7.65
N PHE E 68 -29.06 -30.83 6.89
CA PHE E 68 -27.85 -31.01 6.10
C PHE E 68 -26.74 -30.11 6.64
N THR E 69 -25.51 -30.63 6.63
CA THR E 69 -24.34 -29.89 7.06
C THR E 69 -23.32 -29.91 5.94
N ILE E 70 -22.71 -28.75 5.66
CA ILE E 70 -21.77 -28.59 4.56
C ILE E 70 -20.46 -28.03 5.11
N SER E 71 -19.35 -28.48 4.52
CA SER E 71 -18.03 -28.05 4.96
C SER E 71 -17.03 -28.32 3.85
N ARG E 72 -15.86 -27.69 3.97
CA ARG E 72 -14.79 -27.87 3.00
C ARG E 72 -13.47 -28.07 3.72
N ASP E 73 -12.54 -28.73 3.04
CA ASP E 73 -11.19 -28.97 3.55
C ASP E 73 -10.20 -28.48 2.51
N ASP E 74 -9.78 -27.22 2.62
CA ASP E 74 -8.88 -26.59 1.67
C ASP E 74 -7.52 -27.28 1.57
N PRO E 75 -6.87 -27.66 2.68
CA PRO E 75 -5.59 -28.37 2.55
C PRO E 75 -5.68 -29.65 1.73
N LYS E 76 -6.78 -30.39 1.84
CA LYS E 76 -6.93 -31.66 1.13
C LYS E 76 -7.71 -31.54 -0.17
N ASN E 77 -8.25 -30.35 -0.47
CA ASN E 77 -9.01 -30.11 -1.70
C ASN E 77 -10.19 -31.08 -1.81
N THR E 78 -11.08 -31.01 -0.84
CA THR E 78 -12.24 -31.89 -0.81
C THR E 78 -13.41 -31.16 -0.19
N LEU E 79 -14.61 -31.40 -0.71
CA LEU E 79 -15.84 -30.78 -0.23
C LEU E 79 -16.74 -31.87 0.34
N PHE E 80 -17.31 -31.62 1.52
CA PHE E 80 -18.12 -32.59 2.23
C PHE E 80 -19.53 -32.06 2.43
N LEU E 81 -20.50 -32.97 2.37
CA LEU E 81 -21.89 -32.68 2.71
C LEU E 81 -22.40 -33.76 3.65
N GLN E 82 -22.85 -33.35 4.83
CA GLN E 82 -23.34 -34.27 5.85
C GLN E 82 -24.86 -34.25 5.84
N MET E 83 -25.47 -35.42 5.65
CA MET E 83 -26.91 -35.55 5.53
C MET E 83 -27.46 -36.32 6.73
N THR E 84 -28.45 -35.74 7.40
CA THR E 84 -29.08 -36.36 8.56
C THR E 84 -30.59 -36.40 8.37
N SER E 85 -31.22 -37.43 8.93
CA SER E 85 -32.67 -37.62 8.86
C SER E 85 -33.16 -37.65 7.42
N LEU E 86 -32.65 -38.64 6.69
CA LEU E 86 -33.02 -38.79 5.28
C LEU E 86 -34.48 -39.19 5.14
N ARG E 87 -35.16 -38.57 4.18
CA ARG E 87 -36.55 -38.86 3.86
C ARG E 87 -36.62 -39.49 2.47
N SER E 88 -37.85 -39.79 2.04
CA SER E 88 -38.08 -40.35 0.71
C SER E 88 -38.06 -39.30 -0.39
N GLU E 89 -38.05 -38.01 -0.04
CA GLU E 89 -38.00 -36.93 -1.01
C GLU E 89 -36.58 -36.49 -1.31
N ASP E 90 -35.57 -37.11 -0.69
CA ASP E 90 -34.18 -36.77 -0.93
C ASP E 90 -33.54 -37.65 -1.99
N THR E 91 -34.27 -38.59 -2.58
CA THR E 91 -33.73 -39.44 -3.63
C THR E 91 -33.49 -38.61 -4.89
N ALA E 92 -32.22 -38.41 -5.23
CA ALA E 92 -31.85 -37.57 -6.36
C ALA E 92 -30.39 -37.86 -6.70
N MET E 93 -29.85 -37.07 -7.63
CA MET E 93 -28.44 -37.13 -7.99
C MET E 93 -27.82 -35.77 -7.68
N TYR E 94 -26.68 -35.79 -6.99
CA TYR E 94 -26.07 -34.58 -6.45
C TYR E 94 -24.86 -34.19 -7.28
N TYR E 95 -24.80 -32.92 -7.68
CA TYR E 95 -23.71 -32.39 -8.49
C TYR E 95 -22.88 -31.41 -7.67
N CYS E 96 -21.57 -31.42 -7.92
CA CYS E 96 -20.64 -30.47 -7.30
C CYS E 96 -20.38 -29.34 -8.28
N VAL E 97 -20.65 -28.11 -7.86
CA VAL E 97 -20.63 -26.95 -8.74
C VAL E 97 -19.54 -25.98 -8.28
N ARG E 98 -18.83 -25.41 -9.24
CA ARG E 98 -17.78 -24.44 -9.00
C ARG E 98 -18.27 -23.04 -9.32
N SER E 99 -17.83 -22.07 -8.53
CA SER E 99 -18.25 -20.68 -8.71
C SER E 99 -17.19 -19.74 -8.16
N ILE E 100 -17.08 -18.57 -8.78
CA ILE E 100 -16.15 -17.53 -8.35
C ILE E 100 -16.78 -16.18 -8.67
N TYR E 101 -16.66 -15.23 -7.74
CA TYR E 101 -17.31 -13.94 -7.85
C TYR E 101 -16.29 -12.82 -7.81
N TYR E 102 -16.21 -12.06 -8.91
CA TYR E 102 -15.54 -10.78 -8.95
C TYR E 102 -16.03 -10.05 -10.20
N TYR E 103 -15.61 -8.80 -10.36
CA TYR E 103 -16.08 -8.01 -11.48
C TYR E 103 -15.65 -8.62 -12.80
N GLY E 104 -16.62 -9.12 -13.58
CA GLY E 104 -16.34 -9.74 -14.85
C GLY E 104 -16.18 -11.25 -14.82
N SER E 105 -16.50 -11.89 -13.70
CA SER E 105 -16.34 -13.33 -13.57
C SER E 105 -17.51 -14.06 -14.21
N SER E 106 -17.37 -15.38 -14.33
CA SER E 106 -18.39 -16.25 -14.93
C SER E 106 -18.66 -17.40 -13.97
N PRO E 107 -19.49 -17.20 -12.97
CA PRO E 107 -19.76 -18.28 -12.00
C PRO E 107 -20.57 -19.40 -12.63
N PHE E 108 -20.64 -20.52 -11.90
CA PHE E 108 -21.35 -21.71 -12.33
C PHE E 108 -20.80 -22.26 -13.65
N ASP E 109 -19.49 -22.15 -13.84
CA ASP E 109 -18.87 -22.47 -15.13
C ASP E 109 -18.49 -23.94 -15.28
N PHE E 110 -18.56 -24.73 -14.22
CA PHE E 110 -18.18 -26.14 -14.31
C PHE E 110 -19.02 -26.96 -13.34
N TRP E 111 -19.47 -28.12 -13.82
CA TRP E 111 -20.28 -29.04 -13.03
C TRP E 111 -19.61 -30.40 -12.97
N GLY E 112 -19.72 -31.07 -11.84
CA GLY E 112 -19.16 -32.38 -11.66
C GLY E 112 -19.98 -33.46 -12.35
N GLN E 113 -19.47 -34.69 -12.28
CA GLN E 113 -20.15 -35.81 -12.93
C GLN E 113 -21.43 -36.20 -12.21
N GLY E 114 -21.43 -36.14 -10.88
CA GLY E 114 -22.63 -36.44 -10.12
C GLY E 114 -22.65 -37.86 -9.60
N THR E 115 -23.22 -38.03 -8.41
CA THR E 115 -23.38 -39.34 -7.77
C THR E 115 -24.85 -39.59 -7.51
N THR E 116 -25.26 -40.85 -7.63
CA THR E 116 -26.65 -41.26 -7.46
C THR E 116 -26.88 -41.75 -6.03
N LEU E 117 -27.99 -41.31 -5.44
CA LEU E 117 -28.36 -41.71 -4.09
C LEU E 117 -29.86 -41.98 -4.05
N THR E 118 -30.23 -43.15 -3.54
CA THR E 118 -31.63 -43.56 -3.45
C THR E 118 -31.99 -43.89 -2.01
N VAL E 119 -33.23 -43.58 -1.63
CA VAL E 119 -33.75 -43.86 -0.29
C VAL E 119 -35.00 -44.72 -0.45
N SER E 120 -34.99 -45.88 0.19
CA SER E 120 -36.14 -46.78 0.11
C SER E 120 -37.31 -46.23 0.91
N SER E 121 -38.49 -46.26 0.32
CA SER E 121 -39.70 -45.75 0.98
C SER E 121 -40.35 -46.83 1.83
N SER E 136 -41.88 -15.48 -0.34
CA SER E 136 -40.97 -14.39 -0.65
C SER E 136 -39.97 -14.79 -1.72
N ASP E 137 -39.92 -16.09 -2.02
CA ASP E 137 -38.99 -16.58 -3.03
C ASP E 137 -39.45 -16.17 -4.43
N ILE E 138 -38.49 -16.13 -5.35
CA ILE E 138 -38.76 -15.77 -6.73
C ILE E 138 -39.03 -17.05 -7.52
N VAL E 139 -40.18 -17.13 -8.16
CA VAL E 139 -40.57 -18.28 -8.96
C VAL E 139 -40.32 -17.97 -10.43
N MET E 140 -39.75 -18.93 -11.15
CA MET E 140 -39.39 -18.77 -12.54
C MET E 140 -40.20 -19.73 -13.38
N THR E 141 -40.87 -19.22 -14.41
CA THR E 141 -41.83 -19.99 -15.19
C THR E 141 -41.36 -20.14 -16.63
N GLN E 142 -41.40 -21.36 -17.14
CA GLN E 142 -41.10 -21.63 -18.53
C GLN E 142 -42.38 -21.53 -19.36
N ALA E 143 -42.31 -20.81 -20.48
CA ALA E 143 -43.47 -20.63 -21.33
C ALA E 143 -43.94 -21.95 -21.92
N THR E 144 -43.01 -22.77 -22.39
CA THR E 144 -43.32 -24.06 -23.01
C THR E 144 -42.65 -25.18 -22.26
N SER E 145 -42.83 -26.41 -22.74
CA SER E 145 -42.22 -27.59 -22.15
C SER E 145 -41.54 -28.51 -23.14
N SER E 146 -41.93 -28.50 -24.41
CA SER E 146 -41.29 -29.32 -25.43
C SER E 146 -41.65 -28.75 -26.80
N VAL E 147 -40.65 -28.68 -27.68
CA VAL E 147 -40.85 -28.14 -29.02
C VAL E 147 -40.17 -29.06 -30.04
N PRO E 148 -40.84 -29.35 -31.16
CA PRO E 148 -40.16 -30.09 -32.23
C PRO E 148 -39.22 -29.18 -33.01
N VAL E 149 -38.01 -29.68 -33.24
CA VAL E 149 -36.94 -28.89 -33.85
C VAL E 149 -36.38 -29.64 -35.04
N THR E 150 -36.22 -28.95 -36.16
CA THR E 150 -35.60 -29.48 -37.36
C THR E 150 -34.19 -28.91 -37.53
N PRO E 151 -33.21 -29.74 -37.88
CA PRO E 151 -31.85 -29.25 -38.02
C PRO E 151 -31.74 -28.17 -39.10
N GLY E 152 -30.87 -27.20 -38.85
CA GLY E 152 -30.65 -26.11 -39.77
C GLY E 152 -31.57 -24.92 -39.61
N GLU E 153 -32.58 -25.02 -38.73
CA GLU E 153 -33.51 -23.93 -38.51
C GLU E 153 -33.11 -23.14 -37.27
N SER E 154 -33.95 -22.18 -36.90
CA SER E 154 -33.74 -21.34 -35.73
C SER E 154 -34.91 -21.48 -34.77
N VAL E 155 -34.60 -21.62 -33.49
CA VAL E 155 -35.61 -21.80 -32.45
C VAL E 155 -35.43 -20.71 -31.40
N SER E 156 -36.49 -20.48 -30.63
CA SER E 156 -36.50 -19.46 -29.59
C SER E 156 -37.10 -20.05 -28.32
N ILE E 157 -36.47 -19.79 -27.18
CA ILE E 157 -36.92 -20.27 -25.88
C ILE E 157 -37.17 -19.06 -25.00
N SER E 158 -38.33 -19.03 -24.34
CA SER E 158 -38.74 -17.91 -23.52
C SER E 158 -38.67 -18.28 -22.03
N CYS E 159 -38.46 -17.27 -21.20
CA CYS E 159 -38.36 -17.46 -19.76
C CYS E 159 -38.91 -16.21 -19.08
N ARG E 160 -39.68 -16.41 -18.01
CA ARG E 160 -40.34 -15.33 -17.32
C ARG E 160 -40.07 -15.44 -15.81
N SER E 161 -39.99 -14.29 -15.16
CA SER E 161 -39.73 -14.22 -13.72
C SER E 161 -40.82 -13.43 -13.04
N SER E 162 -41.09 -13.78 -11.77
CA SER E 162 -42.10 -13.10 -10.98
C SER E 162 -41.63 -11.75 -10.45
N LYS E 163 -40.33 -11.46 -10.51
CA LYS E 163 -39.78 -10.21 -10.02
C LYS E 163 -38.80 -9.65 -11.04
N SER E 164 -38.65 -8.32 -11.04
CA SER E 164 -37.73 -7.66 -11.95
C SER E 164 -36.30 -7.98 -11.56
N LEU E 165 -35.55 -8.61 -12.47
CA LEU E 165 -34.18 -9.00 -12.19
C LEU E 165 -33.18 -7.88 -12.42
N LEU E 166 -33.61 -6.75 -12.99
CA LEU E 166 -32.72 -5.62 -13.21
C LEU E 166 -32.40 -4.94 -11.89
N HIS E 167 -31.13 -4.66 -11.64
CA HIS E 167 -30.68 -4.05 -10.42
C HIS E 167 -30.33 -2.58 -10.65
N SER E 168 -30.14 -1.85 -9.54
CA SER E 168 -29.85 -0.43 -9.62
C SER E 168 -28.47 -0.15 -10.21
N ASN E 169 -27.60 -1.15 -10.29
CA ASN E 169 -26.27 -0.97 -10.86
C ASN E 169 -26.22 -1.27 -12.34
N GLY E 170 -27.34 -1.60 -12.97
CA GLY E 170 -27.39 -1.83 -14.40
C GLY E 170 -27.15 -3.25 -14.84
N ASN E 171 -27.19 -4.21 -13.91
CA ASN E 171 -26.94 -5.62 -14.22
C ASN E 171 -28.21 -6.44 -14.03
N THR E 172 -28.49 -7.29 -14.99
CA THR E 172 -29.59 -8.25 -14.91
C THR E 172 -29.00 -9.64 -14.74
N TYR E 173 -29.37 -10.32 -13.66
CA TYR E 173 -28.77 -11.61 -13.30
C TYR E 173 -29.62 -12.72 -13.88
N LEU E 174 -29.15 -13.31 -14.97
CA LEU E 174 -29.83 -14.43 -15.63
C LEU E 174 -28.78 -15.40 -16.15
N TYR E 175 -29.01 -16.69 -15.92
CA TYR E 175 -28.10 -17.74 -16.37
C TYR E 175 -28.87 -18.78 -17.14
N TRP E 176 -28.27 -19.26 -18.24
CA TRP E 176 -28.86 -20.28 -19.09
C TRP E 176 -27.96 -21.52 -19.07
N PHE E 177 -28.57 -22.67 -18.87
CA PHE E 177 -27.84 -23.94 -18.82
C PHE E 177 -28.42 -24.91 -19.82
N LEU E 178 -27.55 -25.78 -20.35
CA LEU E 178 -27.94 -26.81 -21.30
C LEU E 178 -27.45 -28.15 -20.79
N GLN E 179 -28.34 -29.14 -20.78
CA GLN E 179 -28.01 -30.48 -20.29
C GLN E 179 -28.27 -31.48 -21.42
N ARG E 180 -27.21 -32.07 -21.95
CA ARG E 180 -27.34 -33.14 -22.92
C ARG E 180 -27.70 -34.44 -22.22
N PRO E 181 -28.36 -35.38 -22.91
CA PRO E 181 -28.75 -36.63 -22.26
C PRO E 181 -27.55 -37.39 -21.73
N GLY E 182 -27.71 -37.93 -20.52
CA GLY E 182 -26.64 -38.68 -19.89
C GLY E 182 -25.39 -37.88 -19.60
N GLN E 183 -25.52 -36.57 -19.41
CA GLN E 183 -24.38 -35.71 -19.15
C GLN E 183 -24.78 -34.63 -18.17
N SER E 184 -23.78 -34.03 -17.53
CA SER E 184 -24.01 -32.94 -16.60
C SER E 184 -24.25 -31.64 -17.36
N PRO E 185 -25.08 -30.74 -16.80
CA PRO E 185 -25.33 -29.47 -17.48
C PRO E 185 -24.08 -28.59 -17.52
N GLN E 186 -24.06 -27.71 -18.51
CA GLN E 186 -22.94 -26.79 -18.69
C GLN E 186 -23.48 -25.38 -18.91
N LEU E 187 -22.69 -24.39 -18.46
CA LEU E 187 -23.10 -23.00 -18.56
C LEU E 187 -23.10 -22.54 -20.02
N LEU E 188 -24.10 -21.75 -20.39
CA LEU E 188 -24.22 -21.19 -21.73
C LEU E 188 -24.09 -19.68 -21.75
N ILE E 189 -24.90 -18.97 -20.96
CA ILE E 189 -24.92 -17.51 -20.95
C ILE E 189 -25.07 -17.05 -19.51
N TYR E 190 -24.29 -16.04 -19.14
CA TYR E 190 -24.36 -15.45 -17.81
C TYR E 190 -24.65 -13.95 -17.93
N ARG E 191 -25.48 -13.46 -17.01
CA ARG E 191 -25.97 -12.07 -17.02
C ARG E 191 -26.73 -11.75 -18.30
N MET E 192 -27.30 -12.78 -18.93
CA MET E 192 -28.30 -12.65 -19.98
C MET E 192 -27.75 -12.11 -21.29
N SER E 193 -26.48 -11.72 -21.32
CA SER E 193 -25.91 -11.15 -22.54
C SER E 193 -24.52 -11.65 -22.89
N ASN E 194 -23.80 -12.32 -22.00
CA ASN E 194 -22.44 -12.73 -22.24
C ASN E 194 -22.37 -14.22 -22.55
N LEU E 195 -21.47 -14.58 -23.46
CA LEU E 195 -21.29 -15.97 -23.87
C LEU E 195 -20.14 -16.58 -23.08
N ALA E 196 -20.36 -17.78 -22.54
CA ALA E 196 -19.32 -18.46 -21.79
C ALA E 196 -18.20 -18.93 -22.70
N SER E 197 -17.04 -19.19 -22.10
CA SER E 197 -15.89 -19.64 -22.87
C SER E 197 -16.12 -21.03 -23.43
N GLY E 198 -15.74 -21.21 -24.69
CA GLY E 198 -15.93 -22.48 -25.37
C GLY E 198 -17.28 -22.68 -26.00
N VAL E 199 -18.21 -21.75 -25.83
CA VAL E 199 -19.56 -21.85 -26.40
C VAL E 199 -19.55 -21.20 -27.77
N PRO E 200 -20.01 -21.90 -28.81
CA PRO E 200 -20.05 -21.29 -30.14
C PRO E 200 -20.99 -20.09 -30.19
N ASP E 201 -20.68 -19.15 -31.07
CA ASP E 201 -21.41 -17.89 -31.19
C ASP E 201 -22.82 -18.06 -31.74
N ARG E 202 -23.29 -19.27 -31.99
CA ARG E 202 -24.66 -19.45 -32.47
C ARG E 202 -25.67 -18.99 -31.44
N PHE E 203 -25.43 -19.31 -30.16
CA PHE E 203 -26.35 -18.91 -29.11
C PHE E 203 -26.27 -17.41 -28.85
N SER E 204 -27.41 -16.83 -28.48
CA SER E 204 -27.48 -15.42 -28.16
C SER E 204 -28.56 -15.20 -27.10
N GLY E 205 -28.40 -14.13 -26.33
CA GLY E 205 -29.34 -13.83 -25.28
C GLY E 205 -29.75 -12.37 -25.31
N SER E 206 -31.00 -12.12 -24.92
CA SER E 206 -31.55 -10.77 -24.89
C SER E 206 -32.79 -10.78 -24.00
N GLY E 207 -33.39 -9.61 -23.85
CA GLY E 207 -34.60 -9.44 -23.08
C GLY E 207 -34.50 -8.32 -22.08
N SER E 208 -35.59 -8.10 -21.36
CA SER E 208 -35.67 -7.05 -20.36
C SER E 208 -36.12 -7.63 -19.03
N GLY E 209 -36.45 -6.76 -18.06
CA GLY E 209 -36.94 -7.23 -16.79
C GLY E 209 -38.20 -8.07 -16.90
N THR E 210 -38.19 -9.25 -16.28
CA THR E 210 -39.31 -10.18 -16.26
C THR E 210 -39.71 -10.65 -17.66
N ALA E 211 -38.79 -10.57 -18.62
CA ALA E 211 -39.06 -11.04 -19.99
C ALA E 211 -37.74 -11.34 -20.66
N PHE E 212 -37.46 -12.62 -20.89
CA PHE E 212 -36.18 -13.06 -21.43
C PHE E 212 -36.39 -14.03 -22.57
N THR E 213 -35.38 -14.13 -23.42
CA THR E 213 -35.46 -14.97 -24.62
C THR E 213 -34.08 -15.50 -24.96
N LEU E 214 -34.02 -16.78 -25.34
CA LEU E 214 -32.80 -17.42 -25.82
C LEU E 214 -32.97 -17.74 -27.30
N THR E 215 -31.96 -17.40 -28.09
CA THR E 215 -32.01 -17.56 -29.53
C THR E 215 -30.90 -18.50 -29.99
N ILE E 216 -31.26 -19.51 -30.77
CA ILE E 216 -30.33 -20.43 -31.40
C ILE E 216 -30.51 -20.34 -32.90
N SER E 217 -29.42 -20.18 -33.63
CA SER E 217 -29.44 -20.02 -35.08
C SER E 217 -28.64 -21.14 -35.74
N ARG E 218 -29.16 -21.64 -36.86
CA ARG E 218 -28.50 -22.65 -37.70
C ARG E 218 -28.03 -23.85 -36.86
N LEU E 219 -28.86 -24.22 -35.88
CA LEU E 219 -28.48 -25.26 -34.94
C LEU E 219 -28.24 -26.58 -35.65
N GLU E 220 -27.17 -27.26 -35.26
CA GLU E 220 -26.81 -28.57 -35.77
C GLU E 220 -27.18 -29.64 -34.74
N ALA E 221 -26.73 -30.87 -35.00
CA ALA E 221 -26.96 -31.96 -34.07
C ALA E 221 -26.17 -31.71 -32.78
N GLU E 222 -26.36 -32.62 -31.81
CA GLU E 222 -25.75 -32.55 -30.49
C GLU E 222 -26.17 -31.31 -29.70
N ASP E 223 -27.20 -30.60 -30.15
CA ASP E 223 -27.76 -29.46 -29.44
C ASP E 223 -29.08 -29.79 -28.77
N VAL E 224 -29.48 -31.06 -28.77
CA VAL E 224 -30.74 -31.48 -28.18
C VAL E 224 -30.55 -31.72 -26.69
N GLY E 225 -31.55 -31.31 -25.90
CA GLY E 225 -31.46 -31.49 -24.46
C GLY E 225 -32.52 -30.66 -23.77
N VAL E 226 -32.27 -30.34 -22.51
CA VAL E 226 -33.17 -29.54 -21.69
C VAL E 226 -32.45 -28.25 -21.32
N TYR E 227 -33.11 -27.12 -21.56
CA TYR E 227 -32.56 -25.80 -21.28
C TYR E 227 -33.21 -25.24 -20.04
N TYR E 228 -32.39 -24.86 -19.06
CA TYR E 228 -32.88 -24.40 -17.76
C TYR E 228 -32.61 -22.91 -17.60
N CYS E 229 -33.55 -22.23 -16.94
CA CYS E 229 -33.48 -20.80 -16.71
C CYS E 229 -33.27 -20.55 -15.22
N MET E 230 -32.23 -19.81 -14.87
CA MET E 230 -31.83 -19.63 -13.49
C MET E 230 -31.60 -18.15 -13.18
N GLN E 231 -31.94 -17.77 -11.96
CA GLN E 231 -31.77 -16.40 -11.49
C GLN E 231 -30.75 -16.36 -10.35
N HIS E 232 -30.09 -15.22 -10.20
CA HIS E 232 -29.08 -15.05 -9.16
C HIS E 232 -29.19 -13.70 -8.45
N LEU E 233 -30.37 -13.08 -8.45
CA LEU E 233 -30.51 -11.77 -7.82
C LEU E 233 -30.42 -11.88 -6.30
N GLU E 234 -30.98 -12.96 -5.73
CA GLU E 234 -30.98 -13.13 -4.29
C GLU E 234 -31.11 -14.61 -3.96
N TYR E 235 -30.78 -14.96 -2.72
CA TYR E 235 -30.89 -16.34 -2.26
C TYR E 235 -32.26 -16.59 -1.66
N PRO E 236 -32.81 -17.81 -1.80
CA PRO E 236 -32.21 -18.95 -2.50
C PRO E 236 -32.32 -18.86 -4.02
N LEU E 237 -31.43 -19.55 -4.72
CA LEU E 237 -31.44 -19.55 -6.17
C LEU E 237 -32.46 -20.56 -6.69
N THR E 238 -33.34 -20.11 -7.57
CA THR E 238 -34.42 -20.94 -8.10
C THR E 238 -34.20 -21.17 -9.59
N PHE E 239 -34.28 -22.44 -9.99
CA PHE E 239 -34.11 -22.82 -11.40
C PHE E 239 -35.45 -22.71 -12.11
N GLY E 240 -35.50 -23.21 -13.36
CA GLY E 240 -36.71 -23.22 -14.14
C GLY E 240 -37.22 -24.63 -14.37
N ALA E 241 -38.42 -24.70 -14.95
CA ALA E 241 -39.03 -25.99 -15.23
C ALA E 241 -38.21 -26.79 -16.24
N GLY E 242 -37.73 -26.12 -17.29
CA GLY E 242 -36.90 -26.79 -18.28
C GLY E 242 -37.63 -27.04 -19.59
N THR E 243 -37.10 -26.49 -20.68
CA THR E 243 -37.66 -26.69 -22.00
C THR E 243 -36.85 -27.75 -22.74
N LYS E 244 -37.54 -28.76 -23.27
CA LYS E 244 -36.89 -29.88 -23.93
C LYS E 244 -36.95 -29.70 -25.44
N LEU E 245 -35.83 -30.00 -26.11
CA LEU E 245 -35.73 -29.91 -27.56
C LEU E 245 -35.55 -31.33 -28.11
N GLU E 246 -36.43 -31.71 -29.05
CA GLU E 246 -36.41 -33.04 -29.63
C GLU E 246 -36.43 -32.94 -31.15
N LEU E 247 -35.75 -33.89 -31.79
CA LEU E 247 -35.67 -33.92 -33.24
C LEU E 247 -37.02 -34.29 -33.85
C01 A1AQ2 F . -5.26 6.02 47.99
C02 A1AQ2 F . -6.25 6.35 46.86
C03 A1AQ2 F . -7.58 6.98 47.27
C05 A1AQ2 F . -8.48 7.33 44.92
C06 A1AQ2 F . -7.85 8.51 44.15
C07 A1AQ2 F . -7.08 9.47 44.82
C08 A1AQ2 F . -6.50 10.54 44.17
C09 A1AQ2 F . -6.66 10.70 42.80
C10 A1AQ2 F . -7.41 9.78 42.06
C11 A1AQ2 F . -7.58 9.99 40.54
C13 A1AQ2 F . -7.99 8.71 42.76
C14 A1AQ2 F . -9.89 8.04 46.87
C15 A1AQ2 F . -9.76 9.57 47.18
C16 A1AQ2 F . -11.06 10.21 47.55
C17 A1AQ2 F . -11.06 7.86 45.88
C18 A1AQ2 F . -12.32 8.54 46.29
C20 A1AQ2 F . -13.36 10.62 46.84
C21 A1AQ2 F . -14.31 10.53 45.67
C22 A1AQ2 F . -15.70 10.99 46.01
C23 A1AQ2 F . -15.94 12.12 46.80
C24 A1AQ2 F . -17.23 12.52 47.09
C25 A1AQ2 F . -18.33 11.83 46.61
C26 A1AQ2 F . -18.11 10.71 45.82
C27 A1AQ2 F . -16.82 10.29 45.52
N04 A1AQ2 F . -8.57 7.41 46.42
N19 A1AQ2 F . -12.05 9.99 46.46
O12 A1AQ2 F . -6.38 10.32 39.95
O28 A1AQ2 F . -7.72 7.07 48.51
#